data_9CB3
#
_entry.id   9CB3
#
_cell.length_a   1.00
_cell.length_b   1.00
_cell.length_c   1.00
_cell.angle_alpha   90.00
_cell.angle_beta   90.00
_cell.angle_gamma   90.00
#
_symmetry.space_group_name_H-M   'P 1'
#
loop_
_entity.id
_entity.type
_entity.pdbx_description
1 polymer Cyclin-F
2 polymer 'S-phase kinase-associated protein 1'
3 polymer 'E2F1 peptide'
#
loop_
_entity_poly.entity_id
_entity_poly.type
_entity_poly.pdbx_seq_one_letter_code
_entity_poly.pdbx_strand_id
1 'polypeptide(L)'
;MGSGGVVHCRCAKCFCYPTKRRIRRRPRNLTILSLPEDVLFHILKWLSVEDILAVRAVHSQLKDLVDNHASVWACASFQE
LWPSPGNLKLFERAAEKGNFEAAVKLGIAYLYNEGLSVSDEARAEVNGLKASRFFSLAERLNVGAAPFIWLFIRPPWSVS
GSCCKAVVHESLRAECQLQRTHKASILHCLGRVLSLFEDEEKQQQAHDLFEEAAHQGCLTSSYLLWESDRRTDVSDPGRC
LHSFRKLRDYAAKGCWEAQLSLAKACANANQLGLEVRASSEIVCQLFQASQAVSKQQVFSVQKGLNDTMRYILIDWLVEV
ATMKDFTSLCLHLTVECVDRYLRRRLVPRYRLQLLGIACMVICTRFISKEILTIREAVWLTDNTYKYEDLVRMMGEIVSA
LEGKIRVPTVVDYKEVLLTLVPVELRTQHLCSFLCELSLLHTSLSAYAPARLAAAALLLARLTHGQTQPWTTQLWDLTGF
SYEDLIPCVLSLHKKCFHDDAPKDYRQVSLTAVKQRFEDKRYGEISQEEVLSYSQLCAALGVTQDSPDPPTFLSTGEIHA
FLSSPSGRRTKRKRENSLQEDRGSFVTTPTAELSSQEETLLGSFLDWSLDCCSGYEGDQESEGEKEGDVTAPSGIL
;
A
2 'polypeptide(L)'
;MPSIKLQSSDGEIFEVDVEIAKQSVTIKTMLEDLGMDDEGDDDPVPLPNVNAAILKKVIQWCTHHKDDPPPPEDDENKEK
RTDDIPVWDQEFLKVDQGTLFELILAANYLDIKGLLDVTCKTVANMIKGKTPEEIRKTFNIKNDFTEEEEAQVRKENQWC
EEK
;
B
3 'polypeptide(L)' GRPPVKRRLDLET C
#
# COMPACT_ATOMS: atom_id res chain seq x y z
N PRO A 27 14.50 8.07 41.74
CA PRO A 27 14.20 7.74 40.34
C PRO A 27 14.54 6.30 39.99
N ARG A 28 14.56 5.43 41.00
CA ARG A 28 14.84 4.02 40.74
C ARG A 28 13.78 3.39 39.86
N ASN A 29 12.52 3.72 40.09
CA ASN A 29 11.39 3.22 39.30
C ASN A 29 10.76 4.41 38.59
N LEU A 30 11.28 4.72 37.40
CA LEU A 30 10.73 5.81 36.61
C LEU A 30 9.34 5.46 36.10
N THR A 31 8.48 6.47 36.01
CA THR A 31 7.10 6.29 35.60
C THR A 31 6.82 7.08 34.31
N ILE A 32 5.62 6.86 33.77
CA ILE A 32 5.17 7.62 32.61
C ILE A 32 4.95 9.09 32.92
N LEU A 33 4.92 9.45 34.21
CA LEU A 33 4.71 10.84 34.58
C LEU A 33 5.84 11.74 34.12
N SER A 34 7.08 11.27 34.25
CA SER A 34 8.27 12.09 34.00
C SER A 34 8.90 11.84 32.64
N LEU A 35 8.20 11.15 31.74
CA LEU A 35 8.74 10.89 30.41
C LEU A 35 8.85 12.19 29.62
N PRO A 36 9.80 12.28 28.70
CA PRO A 36 9.99 13.50 27.91
C PRO A 36 8.93 13.58 26.81
N GLU A 37 9.07 14.62 25.98
CA GLU A 37 8.05 14.88 24.96
C GLU A 37 8.16 13.90 23.80
N ASP A 38 9.37 13.46 23.45
CA ASP A 38 9.54 12.56 22.32
C ASP A 38 8.93 11.19 22.61
N VAL A 39 9.23 10.63 23.79
CA VAL A 39 8.70 9.32 24.13
C VAL A 39 7.18 9.35 24.22
N LEU A 40 6.63 10.40 24.84
CA LEU A 40 5.18 10.53 24.92
C LEU A 40 4.56 10.71 23.55
N PHE A 41 5.23 11.47 22.68
CA PHE A 41 4.74 11.66 21.31
C PHE A 41 4.67 10.33 20.57
N HIS A 42 5.72 9.51 20.70
CA HIS A 42 5.73 8.26 19.95
C HIS A 42 4.77 7.24 20.54
N ILE A 43 4.70 7.14 21.87
CA ILE A 43 3.88 6.12 22.50
C ILE A 43 2.39 6.45 22.33
N LEU A 44 2.04 7.73 22.26
CA LEU A 44 0.65 8.13 22.13
C LEU A 44 0.18 8.19 20.68
N LYS A 45 1.08 8.00 19.72
CA LYS A 45 0.70 8.07 18.31
C LYS A 45 0.22 6.73 17.77
N TRP A 46 0.31 5.66 18.55
CA TRP A 46 -0.02 4.31 18.08
C TRP A 46 -1.18 3.71 18.87
N LEU A 47 -2.13 4.55 19.26
CA LEU A 47 -3.33 4.11 19.98
C LEU A 47 -4.57 4.64 19.28
N SER A 48 -5.66 3.88 19.37
CA SER A 48 -6.90 4.27 18.73
C SER A 48 -7.54 5.44 19.48
N VAL A 49 -8.60 5.99 18.88
CA VAL A 49 -9.26 7.16 19.44
C VAL A 49 -9.89 6.84 20.79
N GLU A 50 -10.52 5.67 20.91
CA GLU A 50 -11.11 5.30 22.20
C GLU A 50 -10.05 5.23 23.29
N ASP A 51 -8.90 4.62 22.97
CA ASP A 51 -7.84 4.50 23.97
C ASP A 51 -7.25 5.86 24.31
N ILE A 52 -7.06 6.73 23.32
CA ILE A 52 -6.47 8.04 23.61
C ILE A 52 -7.43 8.88 24.45
N LEU A 53 -8.74 8.74 24.22
CA LEU A 53 -9.70 9.40 25.10
C LEU A 53 -9.64 8.82 26.51
N ALA A 54 -9.52 7.49 26.62
CA ALA A 54 -9.45 6.86 27.93
C ALA A 54 -8.20 7.29 28.70
N VAL A 55 -7.06 7.32 28.02
CA VAL A 55 -5.80 7.69 28.68
C VAL A 55 -5.84 9.15 29.13
N ARG A 56 -6.60 10.00 28.42
CA ARG A 56 -6.73 11.40 28.79
C ARG A 56 -7.31 11.60 30.18
N ALA A 57 -7.79 10.55 30.82
CA ALA A 57 -8.38 10.63 32.15
C ALA A 57 -7.38 10.32 33.27
N VAL A 58 -6.12 10.08 32.94
CA VAL A 58 -5.14 9.64 33.92
C VAL A 58 -4.54 10.81 34.69
N HIS A 59 -4.14 11.87 34.00
CA HIS A 59 -3.44 12.97 34.63
C HIS A 59 -3.73 14.26 33.90
N SER A 60 -3.47 15.38 34.59
CA SER A 60 -3.66 16.69 33.98
C SER A 60 -2.57 17.03 32.97
N GLN A 61 -1.34 16.59 33.22
CA GLN A 61 -0.26 16.86 32.28
C GLN A 61 -0.50 16.13 30.96
N LEU A 62 -1.05 14.91 31.02
CA LEU A 62 -1.39 14.19 29.80
C LEU A 62 -2.48 14.93 29.03
N LYS A 63 -3.47 15.47 29.73
CA LYS A 63 -4.51 16.24 29.08
C LYS A 63 -3.94 17.48 28.42
N ASP A 64 -3.04 18.18 29.11
CA ASP A 64 -2.39 19.34 28.52
C ASP A 64 -1.58 18.98 27.28
N LEU A 65 -0.84 17.87 27.36
CA LEU A 65 -0.05 17.43 26.21
C LEU A 65 -0.94 17.09 25.02
N VAL A 66 -2.04 16.38 25.27
CA VAL A 66 -2.90 15.96 24.16
C VAL A 66 -3.63 17.15 23.55
N ASP A 67 -4.18 18.02 24.38
CA ASP A 67 -4.99 19.13 23.89
C ASP A 67 -4.15 20.37 23.56
N ASN A 68 -2.84 20.30 23.72
CA ASN A 68 -1.94 21.41 23.40
C ASN A 68 -1.15 21.11 22.12
N HIS A 69 -0.60 19.91 22.01
CA HIS A 69 0.19 19.53 20.85
C HIS A 69 -0.69 18.79 19.85
N ALA A 70 -0.65 19.24 18.59
CA ALA A 70 -1.57 18.73 17.58
C ALA A 70 -1.11 17.41 16.96
N SER A 71 0.13 16.99 17.21
CA SER A 71 0.65 15.79 16.54
C SER A 71 -0.08 14.53 17.01
N VAL A 72 -0.41 14.45 18.30
CA VAL A 72 -1.03 13.25 18.85
C VAL A 72 -2.41 13.03 18.21
N TRP A 73 -3.20 14.09 18.10
CA TRP A 73 -4.45 14.01 17.36
C TRP A 73 -4.19 13.74 15.89
N ALA A 74 -3.14 14.35 15.33
CA ALA A 74 -2.87 14.24 13.90
C ALA A 74 -2.60 12.81 13.48
N CYS A 75 -1.93 12.04 14.33
CA CYS A 75 -1.61 10.66 14.02
C CYS A 75 -2.59 9.68 14.68
N ALA A 76 -3.78 10.13 14.97
CA ALA A 76 -4.62 9.14 15.66
C ALA A 76 -5.49 8.41 14.69
N SER A 77 -5.82 7.19 15.05
CA SER A 77 -6.58 6.38 14.10
C SER A 77 -8.01 6.75 14.24
N PHE A 78 -8.80 6.21 13.39
CA PHE A 78 -10.24 6.39 13.44
C PHE A 78 -10.49 5.08 12.75
N GLN A 79 -9.97 4.00 13.34
CA GLN A 79 -10.07 2.66 12.72
C GLN A 79 -11.37 1.98 13.08
N GLU A 80 -12.22 1.80 12.09
CA GLU A 80 -13.48 1.06 12.26
C GLU A 80 -14.47 2.00 12.91
N LEU A 81 -14.29 3.28 12.74
CA LEU A 81 -15.36 4.13 13.25
C LEU A 81 -15.86 4.74 11.99
N TRP A 82 -16.95 5.45 12.08
CA TRP A 82 -17.48 6.14 10.90
C TRP A 82 -18.26 7.25 11.51
N PRO A 83 -18.30 8.36 10.83
CA PRO A 83 -18.89 9.59 11.38
C PRO A 83 -20.41 9.54 11.46
N SER A 84 -20.91 9.38 12.68
CA SER A 84 -22.32 9.43 13.05
C SER A 84 -22.66 10.78 13.65
N PRO A 85 -23.94 11.14 13.70
CA PRO A 85 -24.31 12.44 14.28
C PRO A 85 -23.89 12.60 15.73
N GLY A 86 -23.71 11.50 16.45
CA GLY A 86 -23.27 11.61 17.84
C GLY A 86 -21.84 12.11 17.97
N ASN A 87 -20.96 11.69 17.06
CA ASN A 87 -19.53 11.98 17.16
C ASN A 87 -19.01 12.64 15.89
N LEU A 88 -19.74 13.65 15.39
CA LEU A 88 -19.23 14.44 14.28
C LEU A 88 -18.16 15.43 14.75
N LYS A 89 -18.31 15.96 15.96
CA LYS A 89 -17.35 16.94 16.47
C LYS A 89 -15.97 16.32 16.63
N LEU A 90 -15.90 15.09 17.11
CA LEU A 90 -14.61 14.41 17.26
C LEU A 90 -13.92 14.27 15.91
N PHE A 91 -14.66 13.81 14.89
CA PHE A 91 -14.10 13.66 13.57
C PHE A 91 -13.59 14.99 13.03
N GLU A 92 -14.40 16.04 13.16
CA GLU A 92 -14.00 17.35 12.65
C GLU A 92 -12.76 17.86 13.36
N ARG A 93 -12.72 17.74 14.69
CA ARG A 93 -11.57 18.23 15.44
C ARG A 93 -10.31 17.48 15.08
N ALA A 94 -10.39 16.16 14.95
CA ALA A 94 -9.19 15.39 14.63
C ALA A 94 -8.71 15.66 13.21
N ALA A 95 -9.64 15.73 12.25
CA ALA A 95 -9.22 15.97 10.87
C ALA A 95 -8.65 17.37 10.68
N GLU A 96 -9.24 18.36 11.36
CA GLU A 96 -8.85 19.74 11.13
C GLU A 96 -7.44 20.05 11.61
N LYS A 97 -6.82 19.17 12.40
CA LYS A 97 -5.52 19.44 12.99
C LYS A 97 -4.46 18.41 12.62
N GLY A 98 -4.65 17.70 11.51
CA GLY A 98 -3.56 16.92 10.96
C GLY A 98 -3.79 15.43 10.76
N ASN A 99 -5.04 15.00 10.72
CA ASN A 99 -5.36 13.59 10.48
C ASN A 99 -5.98 13.45 9.10
N PHE A 100 -5.52 12.44 8.36
CA PHE A 100 -5.96 12.23 6.99
C PHE A 100 -7.13 11.24 6.92
N GLU A 101 -7.09 10.21 7.75
CA GLU A 101 -8.17 9.22 7.78
C GLU A 101 -9.50 9.86 8.14
N ALA A 102 -9.50 10.73 9.15
CA ALA A 102 -10.73 11.39 9.56
C ALA A 102 -11.30 12.24 8.43
N ALA A 103 -10.44 12.98 7.73
CA ALA A 103 -10.92 13.81 6.63
C ALA A 103 -11.51 12.95 5.50
N VAL A 104 -10.83 11.86 5.15
CA VAL A 104 -11.34 10.99 4.09
C VAL A 104 -12.70 10.41 4.47
N LYS A 105 -12.79 9.86 5.68
CA LYS A 105 -14.04 9.24 6.10
C LYS A 105 -15.17 10.28 6.18
N LEU A 106 -14.87 11.47 6.69
CA LEU A 106 -15.88 12.51 6.80
C LEU A 106 -16.39 12.92 5.43
N GLY A 107 -15.47 13.15 4.48
CA GLY A 107 -15.90 13.54 3.15
C GLY A 107 -16.73 12.46 2.47
N ILE A 108 -16.30 11.21 2.59
CA ILE A 108 -17.03 10.12 1.95
C ILE A 108 -18.41 9.96 2.57
N ALA A 109 -18.51 10.08 3.89
CA ALA A 109 -19.81 10.00 4.56
C ALA A 109 -20.72 11.14 4.13
N TYR A 110 -20.15 12.34 3.99
CA TYR A 110 -20.96 13.49 3.58
C TYR A 110 -21.47 13.33 2.15
N LEU A 111 -20.62 12.80 1.26
CA LEU A 111 -21.03 12.67 -0.14
C LEU A 111 -22.00 11.51 -0.32
N TYR A 112 -21.58 10.30 0.05
CA TYR A 112 -22.40 9.11 -0.12
C TYR A 112 -23.64 9.10 0.78
N ASN A 113 -23.71 10.01 1.76
CA ASN A 113 -24.89 10.23 2.57
C ASN A 113 -25.25 9.00 3.41
N GLU A 114 -24.22 8.28 3.84
CA GLU A 114 -24.38 7.16 4.75
C GLU A 114 -23.69 7.55 6.06
N GLY A 115 -24.39 7.41 7.17
CA GLY A 115 -23.85 7.75 8.47
C GLY A 115 -24.25 9.10 9.01
N LEU A 116 -24.78 9.99 8.16
CA LEU A 116 -25.26 11.29 8.58
C LEU A 116 -26.74 11.42 8.22
N SER A 117 -27.53 11.87 9.19
CA SER A 117 -28.98 11.99 9.03
C SER A 117 -29.32 13.34 8.39
N VAL A 118 -28.97 13.46 7.12
CA VAL A 118 -29.23 14.67 6.35
C VAL A 118 -30.55 14.52 5.61
N SER A 119 -31.46 15.47 5.83
CA SER A 119 -32.76 15.43 5.17
C SER A 119 -32.60 15.66 3.66
N ASP A 120 -33.53 15.07 2.90
CA ASP A 120 -33.45 15.12 1.45
C ASP A 120 -33.62 16.54 0.92
N GLU A 121 -34.38 17.38 1.62
CA GLU A 121 -34.61 18.74 1.15
C GLU A 121 -33.33 19.56 1.12
N ALA A 122 -32.50 19.44 2.16
CA ALA A 122 -31.26 20.20 2.26
C ALA A 122 -30.02 19.33 2.11
N ARG A 123 -30.16 18.12 1.55
CA ARG A 123 -29.02 17.22 1.44
C ARG A 123 -27.98 17.77 0.47
N ALA A 124 -28.41 18.21 -0.71
CA ALA A 124 -27.52 18.47 -1.83
C ALA A 124 -26.44 19.50 -1.52
N GLU A 125 -26.85 20.75 -1.27
CA GLU A 125 -25.88 21.83 -1.15
C GLU A 125 -24.94 21.62 0.04
N VAL A 126 -25.50 21.38 1.23
CA VAL A 126 -24.69 21.26 2.43
C VAL A 126 -23.76 20.06 2.34
N ASN A 127 -24.30 18.92 1.90
CA ASN A 127 -23.48 17.73 1.76
C ASN A 127 -22.35 17.95 0.77
N GLY A 128 -22.65 18.60 -0.36
CA GLY A 128 -21.62 18.85 -1.35
C GLY A 128 -20.50 19.73 -0.83
N LEU A 129 -20.86 20.85 -0.21
CA LEU A 129 -19.81 21.75 0.29
C LEU A 129 -18.98 21.08 1.37
N LYS A 130 -19.62 20.38 2.31
CA LYS A 130 -18.86 19.72 3.37
C LYS A 130 -17.94 18.65 2.80
N ALA A 131 -18.45 17.82 1.89
CA ALA A 131 -17.64 16.75 1.30
C ALA A 131 -16.48 17.33 0.52
N SER A 132 -16.71 18.41 -0.23
CA SER A 132 -15.63 19.02 -1.00
C SER A 132 -14.55 19.58 -0.08
N ARG A 133 -14.94 20.29 0.98
CA ARG A 133 -13.95 20.84 1.90
C ARG A 133 -13.13 19.73 2.55
N PHE A 134 -13.79 18.66 2.97
CA PHE A 134 -13.07 17.57 3.63
C PHE A 134 -12.20 16.80 2.64
N PHE A 135 -12.63 16.66 1.39
CA PHE A 135 -11.78 16.03 0.39
C PHE A 135 -10.53 16.87 0.12
N SER A 136 -10.71 18.19 0.04
CA SER A 136 -9.56 19.07 -0.15
C SER A 136 -8.58 18.96 1.01
N LEU A 137 -9.10 18.93 2.24
CA LEU A 137 -8.23 18.77 3.40
C LEU A 137 -7.51 17.42 3.37
N ALA A 138 -8.24 16.36 2.98
CA ALA A 138 -7.64 15.03 2.91
C ALA A 138 -6.50 14.98 1.90
N GLU A 139 -6.69 15.59 0.73
CA GLU A 139 -5.62 15.63 -0.24
C GLU A 139 -4.45 16.49 0.24
N ARG A 140 -4.75 17.60 0.90
CA ARG A 140 -3.68 18.47 1.39
C ARG A 140 -2.81 17.75 2.42
N LEU A 141 -3.43 16.98 3.31
CA LEU A 141 -2.67 16.27 4.32
C LEU A 141 -1.93 15.06 3.77
N ASN A 142 -2.16 14.69 2.52
CA ASN A 142 -1.44 13.58 1.92
C ASN A 142 -0.04 14.03 1.52
N VAL A 143 0.94 13.14 1.72
CA VAL A 143 2.34 13.43 1.42
C VAL A 143 2.97 12.20 0.78
N GLY A 144 3.73 12.41 -0.29
CA GLY A 144 4.48 11.34 -0.92
C GLY A 144 3.66 10.32 -1.67
N ALA A 145 2.50 10.70 -2.21
CA ALA A 145 1.67 9.78 -2.97
C ALA A 145 1.07 10.51 -4.17
N ALA A 146 0.75 9.73 -5.19
CA ALA A 146 0.06 10.30 -6.35
C ALA A 146 -1.36 10.68 -5.98
N PRO A 147 -1.89 11.77 -6.53
CA PRO A 147 -3.26 12.18 -6.20
C PRO A 147 -4.27 11.10 -6.54
N PHE A 148 -5.27 10.95 -5.66
CA PHE A 148 -6.23 9.86 -5.76
C PHE A 148 -7.68 10.26 -5.50
N ILE A 149 -7.95 11.43 -4.92
CA ILE A 149 -9.31 11.76 -4.48
C ILE A 149 -10.22 12.07 -5.65
N TRP A 150 -9.68 12.08 -6.87
CA TRP A 150 -10.49 12.34 -8.03
C TRP A 150 -11.36 11.15 -8.42
N LEU A 151 -11.10 9.98 -7.87
CA LEU A 151 -11.83 8.78 -8.28
C LEU A 151 -13.17 8.61 -7.56
N PHE A 152 -13.41 9.35 -6.48
CA PHE A 152 -14.69 9.27 -5.81
C PHE A 152 -15.76 10.13 -6.47
N ILE A 153 -15.38 10.98 -7.42
CA ILE A 153 -16.29 11.90 -8.07
C ILE A 153 -16.28 11.75 -9.59
N ARG A 154 -15.61 10.73 -10.10
CA ARG A 154 -15.50 10.52 -11.54
C ARG A 154 -16.83 10.05 -12.13
N PRO A 155 -17.03 10.29 -13.43
CA PRO A 155 -18.28 9.85 -14.08
C PRO A 155 -18.39 8.34 -14.08
N PRO A 156 -19.59 7.79 -14.40
CA PRO A 156 -20.84 8.44 -14.78
C PRO A 156 -21.59 9.06 -13.60
N TRP A 157 -22.34 10.12 -13.86
CA TRP A 157 -23.06 10.84 -12.83
C TRP A 157 -24.55 10.54 -12.96
N SER A 158 -25.36 11.24 -12.16
CA SER A 158 -26.81 11.05 -12.22
C SER A 158 -27.37 11.60 -13.53
N VAL A 159 -28.23 10.80 -14.17
CA VAL A 159 -28.81 11.22 -15.44
C VAL A 159 -29.79 12.38 -15.22
N SER A 160 -30.56 12.34 -14.15
CA SER A 160 -31.51 13.38 -13.82
C SER A 160 -31.17 14.00 -12.48
N GLY A 161 -31.49 15.29 -12.34
CA GLY A 161 -31.14 16.00 -11.13
C GLY A 161 -29.67 16.35 -11.08
N SER A 162 -29.21 16.68 -9.87
CA SER A 162 -27.82 17.06 -9.63
C SER A 162 -27.26 16.15 -8.54
N CYS A 163 -26.45 15.16 -8.94
CA CYS A 163 -25.80 14.30 -7.97
C CYS A 163 -24.75 15.09 -7.18
N CYS A 164 -24.54 14.67 -5.93
CA CYS A 164 -23.58 15.36 -5.06
C CYS A 164 -22.17 15.32 -5.63
N LYS A 165 -21.86 14.36 -6.50
CA LYS A 165 -20.54 14.31 -7.11
C LYS A 165 -20.28 15.57 -7.93
N ALA A 166 -21.26 16.01 -8.72
CA ALA A 166 -21.09 17.25 -9.47
C ALA A 166 -20.95 18.45 -8.55
N VAL A 167 -21.72 18.46 -7.45
CA VAL A 167 -21.65 19.57 -6.51
C VAL A 167 -20.24 19.69 -5.93
N VAL A 168 -19.69 18.56 -5.46
CA VAL A 168 -18.35 18.61 -4.90
C VAL A 168 -17.32 18.91 -5.98
N HIS A 169 -17.60 18.53 -7.23
CA HIS A 169 -16.67 18.86 -8.31
C HIS A 169 -16.58 20.36 -8.52
N GLU A 170 -17.73 21.04 -8.67
CA GLU A 170 -17.70 22.49 -8.82
C GLU A 170 -17.16 23.18 -7.57
N SER A 171 -17.47 22.65 -6.39
CA SER A 171 -16.94 23.27 -5.18
C SER A 171 -15.42 23.14 -5.09
N LEU A 172 -14.88 21.98 -5.49
CA LEU A 172 -13.44 21.80 -5.53
C LEU A 172 -12.80 22.71 -6.58
N ARG A 173 -13.48 22.89 -7.72
CA ARG A 173 -12.96 23.81 -8.73
C ARG A 173 -12.90 25.24 -8.19
N ALA A 174 -13.96 25.68 -7.49
CA ALA A 174 -13.95 27.01 -6.90
C ALA A 174 -12.86 27.13 -5.84
N GLU A 175 -12.68 26.10 -5.01
CA GLU A 175 -11.62 26.12 -4.01
C GLU A 175 -10.25 26.23 -4.66
N CYS A 176 -10.02 25.47 -5.73
CA CYS A 176 -8.75 25.58 -6.45
C CYS A 176 -8.57 26.97 -7.02
N GLN A 177 -9.64 27.57 -7.53
CA GLN A 177 -9.57 28.96 -7.96
C GLN A 177 -9.29 29.91 -6.80
N LEU A 178 -9.56 29.48 -5.57
CA LEU A 178 -9.34 30.32 -4.40
C LEU A 178 -8.31 29.77 -3.41
N GLN A 179 -7.67 28.64 -3.70
CA GLN A 179 -6.69 28.06 -2.80
C GLN A 179 -5.29 28.62 -3.09
N ARG A 180 -4.46 28.63 -2.06
CA ARG A 180 -3.10 29.13 -2.18
C ARG A 180 -2.04 28.18 -1.66
N THR A 181 -2.32 27.44 -0.59
CA THR A 181 -1.31 26.61 0.06
C THR A 181 -0.77 25.52 -0.86
N HIS A 182 -1.63 24.57 -1.23
CA HIS A 182 -1.22 23.48 -2.12
C HIS A 182 -2.42 23.14 -3.01
N LYS A 183 -2.44 23.72 -4.20
CA LYS A 183 -3.55 23.54 -5.12
C LYS A 183 -3.22 22.66 -6.32
N ALA A 184 -1.95 22.31 -6.53
CA ALA A 184 -1.57 21.54 -7.70
C ALA A 184 -2.28 20.18 -7.72
N SER A 185 -2.36 19.51 -6.57
CA SER A 185 -3.03 18.23 -6.51
C SER A 185 -4.50 18.36 -6.85
N ILE A 186 -5.14 19.44 -6.39
CA ILE A 186 -6.55 19.66 -6.72
C ILE A 186 -6.73 19.85 -8.21
N LEU A 187 -5.83 20.63 -8.85
CA LEU A 187 -5.92 20.81 -10.29
C LEU A 187 -5.73 19.48 -11.03
N HIS A 188 -4.77 18.66 -10.59
CA HIS A 188 -4.56 17.38 -11.25
C HIS A 188 -5.78 16.48 -11.10
N CYS A 189 -6.37 16.45 -9.91
CA CYS A 189 -7.57 15.64 -9.70
C CYS A 189 -8.72 16.13 -10.57
N LEU A 190 -8.90 17.45 -10.65
CA LEU A 190 -9.92 18.01 -11.53
C LEU A 190 -9.69 17.56 -12.96
N GLY A 191 -8.47 17.72 -13.46
CA GLY A 191 -8.19 17.34 -14.83
C GLY A 191 -8.42 15.87 -15.10
N ARG A 192 -8.06 15.01 -14.13
CA ARG A 192 -8.35 13.59 -14.27
C ARG A 192 -9.85 13.33 -14.27
N VAL A 193 -10.63 14.19 -13.64
CA VAL A 193 -12.08 13.96 -13.59
C VAL A 193 -12.71 14.15 -14.97
N LEU A 194 -12.39 15.25 -15.67
CA LEU A 194 -12.99 15.47 -16.97
C LEU A 194 -12.30 14.72 -18.10
N SER A 195 -11.17 14.06 -17.82
CA SER A 195 -10.49 13.27 -18.85
C SER A 195 -11.38 12.13 -19.33
N LEU A 196 -12.10 11.49 -18.41
CA LEU A 196 -12.98 10.37 -18.72
C LEU A 196 -14.33 10.81 -19.28
N PHE A 197 -14.49 12.10 -19.58
CA PHE A 197 -15.72 12.61 -20.18
C PHE A 197 -15.60 12.55 -21.70
N GLU A 198 -16.62 11.98 -22.36
CA GLU A 198 -16.61 11.80 -23.81
C GLU A 198 -17.10 13.09 -24.47
N ASP A 199 -16.20 14.06 -24.51
CA ASP A 199 -16.49 15.35 -25.15
C ASP A 199 -15.17 16.03 -25.48
N GLU A 200 -15.05 16.54 -26.71
CA GLU A 200 -13.82 17.22 -27.11
C GLU A 200 -13.57 18.45 -26.24
N GLU A 201 -14.62 19.20 -25.92
CA GLU A 201 -14.48 20.33 -25.01
C GLU A 201 -14.01 19.86 -23.64
N LYS A 202 -14.56 18.75 -23.15
CA LYS A 202 -14.12 18.21 -21.87
C LYS A 202 -12.65 17.80 -21.92
N GLN A 203 -12.23 17.20 -23.03
CA GLN A 203 -10.83 16.81 -23.16
C GLN A 203 -9.92 18.03 -23.18
N GLN A 204 -10.33 19.11 -23.86
CA GLN A 204 -9.49 20.31 -23.87
C GLN A 204 -9.45 20.97 -22.50
N GLN A 205 -10.55 20.94 -21.74
CA GLN A 205 -10.49 21.44 -20.36
C GLN A 205 -9.57 20.59 -19.50
N ALA A 206 -9.59 19.27 -19.70
CA ALA A 206 -8.68 18.40 -18.96
C ALA A 206 -7.23 18.70 -19.31
N HIS A 207 -6.92 18.72 -20.59
CA HIS A 207 -5.51 18.97 -21.00
C HIS A 207 -5.20 20.35 -20.46
N ASP A 208 -6.11 21.29 -20.65
CA ASP A 208 -5.92 22.64 -20.08
C ASP A 208 -5.61 22.52 -18.60
N LEU A 209 -5.96 21.40 -17.98
CA LEU A 209 -5.81 21.32 -16.51
C LEU A 209 -4.43 20.83 -16.17
N PHE A 210 -4.01 19.73 -16.75
CA PHE A 210 -2.64 19.37 -16.36
C PHE A 210 -1.67 20.42 -16.87
N GLU A 211 -2.08 21.27 -17.86
CA GLU A 211 -1.06 22.28 -18.12
C GLU A 211 -0.88 23.21 -16.93
N GLU A 212 -2.00 23.66 -16.34
CA GLU A 212 -1.91 24.52 -15.16
C GLU A 212 -1.35 23.78 -13.95
N ALA A 213 -1.55 22.46 -13.85
CA ALA A 213 -0.92 21.72 -12.77
C ALA A 213 0.58 21.58 -12.98
N ALA A 214 0.99 21.30 -14.23
CA ALA A 214 2.41 21.26 -14.55
C ALA A 214 3.08 22.61 -14.42
N HIS A 215 2.31 23.71 -14.50
CA HIS A 215 2.87 25.03 -14.32
C HIS A 215 3.45 25.19 -12.92
N GLN A 216 2.75 24.68 -11.90
CA GLN A 216 3.20 24.78 -10.52
C GLN A 216 4.08 23.61 -10.10
N GLY A 217 4.08 22.52 -10.86
CA GLY A 217 4.96 21.40 -10.56
C GLY A 217 4.25 20.15 -10.07
N CYS A 218 4.09 19.17 -10.95
CA CYS A 218 3.52 17.88 -10.58
C CYS A 218 4.04 16.83 -11.55
N LEU A 219 4.59 15.75 -11.01
CA LEU A 219 5.20 14.73 -11.86
C LEU A 219 4.17 14.01 -12.72
N THR A 220 3.09 13.53 -12.09
CA THR A 220 2.08 12.76 -12.83
C THR A 220 1.38 13.64 -13.86
N SER A 221 1.07 14.89 -13.51
CA SER A 221 0.44 15.80 -14.46
C SER A 221 1.35 16.04 -15.66
N SER A 222 2.64 16.26 -15.40
CA SER A 222 3.59 16.48 -16.49
C SER A 222 3.70 15.25 -17.39
N TYR A 223 3.74 14.06 -16.79
CA TYR A 223 3.82 12.85 -17.60
C TYR A 223 2.57 12.66 -18.43
N LEU A 224 1.39 12.95 -17.87
CA LEU A 224 0.17 12.83 -18.65
C LEU A 224 0.17 13.83 -19.80
N LEU A 225 0.67 15.04 -19.54
CA LEU A 225 0.81 16.03 -20.60
C LEU A 225 1.71 15.52 -21.71
N TRP A 226 2.84 14.90 -21.33
CA TRP A 226 3.75 14.35 -22.33
C TRP A 226 3.08 13.24 -23.13
N GLU A 227 2.32 12.37 -22.46
CA GLU A 227 1.62 11.30 -23.16
C GLU A 227 0.58 11.86 -24.14
N SER A 228 -0.07 12.97 -23.79
CA SER A 228 -0.99 13.60 -24.72
C SER A 228 -0.27 14.25 -25.90
N ASP A 229 1.06 14.38 -25.84
CA ASP A 229 1.83 14.95 -26.94
C ASP A 229 2.51 13.91 -27.81
N ARG A 230 2.81 12.72 -27.27
CA ARG A 230 3.38 11.66 -28.09
C ARG A 230 2.43 11.23 -29.18
N ARG A 231 1.13 11.12 -28.85
CA ARG A 231 0.13 10.75 -29.84
C ARG A 231 -0.04 11.81 -30.93
N THR A 232 0.35 13.05 -30.65
CA THR A 232 0.08 14.13 -31.59
C THR A 232 1.20 14.30 -32.62
N ASP A 233 2.42 14.54 -32.15
CA ASP A 233 3.52 14.95 -33.03
C ASP A 233 4.65 13.92 -32.96
N VAL A 234 4.74 13.08 -33.99
CA VAL A 234 5.91 12.21 -34.22
C VAL A 234 6.31 12.46 -35.66
N SER A 235 7.20 13.44 -35.89
CA SER A 235 7.60 13.82 -37.23
C SER A 235 9.09 13.65 -37.50
N ASP A 236 9.93 14.22 -36.66
CA ASP A 236 11.36 14.29 -36.88
C ASP A 236 12.12 13.83 -35.65
N PRO A 237 13.37 13.39 -35.80
CA PRO A 237 14.15 12.96 -34.63
C PRO A 237 14.42 14.07 -33.64
N GLY A 238 14.32 15.35 -34.03
CA GLY A 238 14.50 16.42 -33.07
C GLY A 238 13.45 16.43 -31.99
N ARG A 239 12.18 16.30 -32.38
CA ARG A 239 11.11 16.20 -31.40
C ARG A 239 11.22 14.91 -30.59
N CYS A 240 11.71 13.84 -31.21
CA CYS A 240 11.95 12.60 -30.47
C CYS A 240 13.02 12.82 -29.40
N LEU A 241 14.07 13.58 -29.72
CA LEU A 241 15.10 13.86 -28.73
C LEU A 241 14.57 14.77 -27.62
N HIS A 242 13.71 15.72 -27.97
CA HIS A 242 13.06 16.54 -26.95
C HIS A 242 12.22 15.68 -26.01
N SER A 243 11.46 14.76 -26.57
CA SER A 243 10.65 13.85 -25.76
C SER A 243 11.54 12.96 -24.90
N PHE A 244 12.67 12.51 -25.43
CA PHE A 244 13.60 11.70 -24.64
C PHE A 244 14.18 12.51 -23.49
N ARG A 245 14.50 13.78 -23.72
CA ARG A 245 15.00 14.62 -22.64
C ARG A 245 13.96 14.77 -21.53
N LYS A 246 12.71 15.06 -21.92
CA LYS A 246 11.67 15.20 -20.91
C LYS A 246 11.41 13.88 -20.18
N LEU A 247 11.47 12.76 -20.90
CA LEU A 247 11.28 11.46 -20.28
C LEU A 247 12.40 11.15 -19.28
N ARG A 248 13.64 11.48 -19.64
CA ARG A 248 14.74 11.30 -18.69
C ARG A 248 14.54 12.17 -17.46
N ASP A 249 14.12 13.42 -17.65
CA ASP A 249 13.86 14.30 -16.52
C ASP A 249 12.80 13.72 -15.59
N TYR A 250 11.72 13.19 -16.17
CA TYR A 250 10.64 12.67 -15.35
C TYR A 250 11.04 11.37 -14.66
N ALA A 251 11.70 10.46 -15.39
CA ALA A 251 12.04 9.15 -14.82
C ALA A 251 13.12 9.27 -13.75
N ALA A 252 14.05 10.22 -13.90
CA ALA A 252 15.11 10.36 -12.90
C ALA A 252 14.55 10.77 -11.55
N LYS A 253 13.41 11.47 -11.52
CA LYS A 253 12.86 11.97 -10.27
C LYS A 253 12.19 10.89 -9.44
N GLY A 254 11.63 9.85 -10.08
CA GLY A 254 11.09 8.74 -9.33
C GLY A 254 9.70 8.28 -9.72
N CYS A 255 9.20 8.73 -10.86
CA CYS A 255 7.89 8.30 -11.33
C CYS A 255 7.90 6.81 -11.67
N TRP A 256 6.71 6.29 -11.96
CA TRP A 256 6.56 4.90 -12.37
C TRP A 256 6.15 4.77 -13.83
N GLU A 257 5.05 5.42 -14.22
CA GLU A 257 4.65 5.42 -15.62
C GLU A 257 5.74 6.04 -16.50
N ALA A 258 6.43 7.06 -15.98
CA ALA A 258 7.53 7.65 -16.73
C ALA A 258 8.67 6.66 -16.91
N GLN A 259 9.01 5.91 -15.87
CA GLN A 259 10.05 4.90 -15.99
C GLN A 259 9.68 3.85 -17.04
N LEU A 260 8.44 3.35 -16.98
CA LEU A 260 8.03 2.34 -17.95
C LEU A 260 8.02 2.89 -19.37
N SER A 261 7.56 4.13 -19.55
CA SER A 261 7.56 4.73 -20.89
C SER A 261 8.99 4.92 -21.40
N LEU A 262 9.89 5.37 -20.54
CA LEU A 262 11.28 5.55 -20.95
C LEU A 262 11.95 4.23 -21.28
N ALA A 263 11.52 3.14 -20.65
CA ALA A 263 12.11 1.85 -20.94
C ALA A 263 11.77 1.33 -22.34
N LYS A 264 10.83 1.98 -23.04
CA LYS A 264 10.51 1.63 -24.42
C LYS A 264 10.99 2.66 -25.44
N ALA A 265 11.07 3.93 -25.07
CA ALA A 265 11.72 4.90 -25.94
C ALA A 265 13.17 4.52 -26.17
N CYS A 266 13.77 3.76 -25.24
CA CYS A 266 15.08 3.17 -25.50
C CYS A 266 14.96 1.97 -26.44
N ALA A 267 13.83 1.27 -26.42
CA ALA A 267 13.59 0.23 -27.42
C ALA A 267 13.54 0.83 -28.81
N ASN A 268 13.12 2.09 -28.93
CA ASN A 268 13.24 2.84 -30.17
C ASN A 268 14.67 3.36 -30.34
N ALA A 269 15.62 2.42 -30.30
CA ALA A 269 17.03 2.78 -30.25
C ALA A 269 17.55 3.31 -31.58
N ASN A 270 17.02 2.79 -32.70
CA ASN A 270 17.55 3.18 -34.01
C ASN A 270 17.31 4.66 -34.28
N GLN A 271 16.07 5.11 -34.11
CA GLN A 271 15.76 6.52 -34.40
C GLN A 271 16.35 7.45 -33.36
N LEU A 272 16.26 7.03 -32.08
CA LEU A 272 16.67 7.89 -30.93
C LEU A 272 18.19 8.01 -30.77
N GLY A 273 18.71 9.25 -30.82
CA GLY A 273 20.16 9.44 -30.73
C GLY A 273 20.70 8.90 -29.42
N LEU A 274 21.41 7.77 -29.48
CA LEU A 274 22.06 7.26 -28.25
C LEU A 274 22.82 5.98 -28.55
N GLU A 275 23.52 5.44 -27.55
CA GLU A 275 24.35 4.26 -27.70
C GLU A 275 23.62 3.03 -27.17
N VAL A 276 24.08 1.86 -27.64
CA VAL A 276 23.50 0.60 -27.18
C VAL A 276 23.74 0.42 -25.68
N ARG A 277 24.93 0.81 -25.22
CA ARG A 277 25.26 0.65 -23.81
C ARG A 277 24.33 1.46 -22.92
N ALA A 278 23.97 2.68 -23.35
CA ALA A 278 23.09 3.51 -22.55
C ALA A 278 21.70 2.90 -22.42
N SER A 279 21.14 2.38 -23.52
CA SER A 279 19.84 1.73 -23.46
C SER A 279 19.89 0.49 -22.59
N SER A 280 20.95 -0.31 -22.73
CA SER A 280 21.09 -1.50 -21.89
C SER A 280 21.19 -1.11 -20.42
N GLU A 281 21.91 -0.04 -20.12
CA GLU A 281 22.02 0.43 -18.74
C GLU A 281 20.68 0.89 -18.20
N ILE A 282 19.89 1.59 -19.02
CA ILE A 282 18.58 2.05 -18.58
C ILE A 282 17.68 0.86 -18.26
N VAL A 283 17.66 -0.13 -19.15
CA VAL A 283 16.83 -1.30 -18.92
C VAL A 283 17.32 -2.08 -17.69
N CYS A 284 18.63 -2.18 -17.52
CA CYS A 284 19.17 -2.84 -16.34
C CYS A 284 18.79 -2.12 -15.06
N GLN A 285 18.83 -0.80 -15.07
CA GLN A 285 18.44 -0.03 -13.89
C GLN A 285 16.97 -0.25 -13.55
N LEU A 286 16.09 -0.20 -14.56
CA LEU A 286 14.68 -0.43 -14.30
C LEU A 286 14.34 -1.89 -14.05
N PHE A 287 15.26 -2.81 -14.31
CA PHE A 287 15.01 -4.23 -14.09
C PHE A 287 15.65 -4.75 -12.81
N GLN A 288 16.59 -4.01 -12.22
CA GLN A 288 17.23 -4.39 -10.97
C GLN A 288 16.81 -3.49 -9.81
N ALA A 289 15.66 -2.82 -9.92
CA ALA A 289 15.17 -1.89 -8.91
C ALA A 289 13.83 -2.33 -8.35
N SER A 290 13.70 -3.62 -8.05
CA SER A 290 12.47 -4.18 -7.51
C SER A 290 12.80 -5.19 -6.42
N GLN A 291 11.97 -5.23 -5.39
CA GLN A 291 12.15 -6.14 -4.27
C GLN A 291 10.83 -6.84 -3.96
N ALA A 292 10.93 -8.09 -3.50
CA ALA A 292 9.74 -8.84 -3.12
C ALA A 292 9.07 -8.20 -1.92
N VAL A 293 7.74 -8.10 -1.97
CA VAL A 293 7.00 -7.33 -0.96
C VAL A 293 6.11 -8.23 -0.13
N SER A 294 5.15 -8.91 -0.76
CA SER A 294 4.18 -9.68 -0.01
C SER A 294 4.81 -10.98 0.51
N LYS A 295 4.17 -11.56 1.52
CA LYS A 295 4.67 -12.76 2.17
C LYS A 295 3.52 -13.37 2.97
N GLN A 296 3.86 -14.31 3.85
CA GLN A 296 2.93 -14.96 4.76
C GLN A 296 2.45 -14.04 5.89
N GLN A 297 2.74 -12.74 5.78
CA GLN A 297 2.31 -11.77 6.77
C GLN A 297 0.80 -11.81 6.97
N VAL A 298 0.05 -11.94 5.87
CA VAL A 298 -1.41 -11.89 5.95
C VAL A 298 -1.95 -13.07 6.76
N PHE A 299 -1.34 -14.24 6.60
CA PHE A 299 -1.79 -15.41 7.34
C PHE A 299 -1.64 -15.24 8.84
N SER A 300 -0.53 -14.62 9.27
CA SER A 300 -0.26 -14.45 10.69
C SER A 300 -0.82 -13.16 11.28
N VAL A 301 -1.43 -12.30 10.46
CA VAL A 301 -1.98 -11.04 10.96
C VAL A 301 -3.46 -11.13 11.27
N GLN A 302 -4.12 -12.21 10.88
CA GLN A 302 -5.53 -12.45 11.20
C GLN A 302 -5.66 -13.71 12.04
N LYS A 303 -6.89 -14.03 12.42
CA LYS A 303 -7.16 -15.29 13.10
C LYS A 303 -6.83 -16.47 12.19
N GLY A 304 -7.19 -16.37 10.92
CA GLY A 304 -6.88 -17.43 9.97
C GLY A 304 -7.42 -17.18 8.58
N LEU A 305 -6.61 -17.47 7.56
CA LEU A 305 -7.04 -17.41 6.17
C LEU A 305 -6.81 -18.72 5.42
N ASN A 306 -5.70 -19.40 5.68
CA ASN A 306 -5.33 -20.67 5.07
C ASN A 306 -5.22 -20.58 3.55
N ASP A 307 -5.24 -19.36 2.99
CA ASP A 307 -5.01 -19.00 1.59
C ASP A 307 -6.07 -19.60 0.68
N THR A 308 -6.92 -20.47 1.22
CA THR A 308 -8.02 -21.02 0.43
C THR A 308 -9.11 -19.97 0.25
N MET A 309 -9.37 -19.19 1.31
CA MET A 309 -10.33 -18.10 1.19
C MET A 309 -9.83 -17.04 0.20
N ARG A 310 -8.53 -16.76 0.22
CA ARG A 310 -7.96 -15.86 -0.77
C ARG A 310 -8.10 -16.41 -2.18
N TYR A 311 -7.89 -17.72 -2.34
CA TYR A 311 -8.08 -18.33 -3.65
C TYR A 311 -9.53 -18.18 -4.11
N ILE A 312 -10.48 -18.44 -3.22
CA ILE A 312 -11.90 -18.31 -3.57
C ILE A 312 -12.20 -16.87 -4.00
N LEU A 313 -11.73 -15.91 -3.21
CA LEU A 313 -12.04 -14.51 -3.47
C LEU A 313 -11.44 -14.06 -4.80
N ILE A 314 -10.18 -14.43 -5.06
CA ILE A 314 -9.54 -14.03 -6.31
C ILE A 314 -10.21 -14.72 -7.50
N ASP A 315 -10.61 -15.97 -7.33
CA ASP A 315 -11.38 -16.66 -8.36
C ASP A 315 -12.64 -15.89 -8.71
N TRP A 316 -13.40 -15.50 -7.68
CA TRP A 316 -14.64 -14.79 -7.91
C TRP A 316 -14.38 -13.44 -8.58
N LEU A 317 -13.32 -12.75 -8.15
CA LEU A 317 -12.97 -11.47 -8.76
C LEU A 317 -12.60 -11.64 -10.23
N VAL A 318 -11.89 -12.73 -10.55
CA VAL A 318 -11.54 -13.01 -11.94
C VAL A 318 -12.79 -13.24 -12.77
N GLU A 319 -13.75 -13.98 -12.23
CA GLU A 319 -15.01 -14.18 -12.94
C GLU A 319 -15.71 -12.84 -13.19
N VAL A 320 -15.80 -12.00 -12.17
CA VAL A 320 -16.49 -10.72 -12.32
C VAL A 320 -15.78 -9.85 -13.35
N ALA A 321 -14.45 -9.88 -13.36
CA ALA A 321 -13.69 -9.13 -14.35
C ALA A 321 -13.91 -9.67 -15.75
N THR A 322 -14.05 -11.00 -15.89
CA THR A 322 -14.36 -11.58 -17.18
C THR A 322 -15.71 -11.11 -17.69
N MET A 323 -16.70 -10.98 -16.79
CA MET A 323 -18.04 -10.59 -17.21
C MET A 323 -18.05 -9.24 -17.92
N LYS A 324 -17.41 -8.24 -17.33
CA LYS A 324 -17.59 -6.85 -17.75
C LYS A 324 -16.44 -6.31 -18.60
N ASP A 325 -15.60 -7.19 -19.16
CA ASP A 325 -14.49 -6.78 -20.02
C ASP A 325 -13.53 -5.86 -19.26
N PHE A 326 -12.87 -6.46 -18.27
CA PHE A 326 -11.89 -5.78 -17.44
C PHE A 326 -10.49 -6.28 -17.80
N THR A 327 -9.56 -5.33 -17.94
CA THR A 327 -8.22 -5.65 -18.41
C THR A 327 -7.43 -6.40 -17.34
N SER A 328 -6.26 -6.91 -17.75
CA SER A 328 -5.39 -7.61 -16.82
C SER A 328 -4.84 -6.66 -15.76
N LEU A 329 -4.48 -5.44 -16.16
CA LEU A 329 -3.88 -4.50 -15.23
C LEU A 329 -4.81 -4.19 -14.07
N CYS A 330 -6.10 -4.00 -14.37
CA CYS A 330 -7.05 -3.66 -13.31
C CYS A 330 -7.24 -4.81 -12.34
N LEU A 331 -7.29 -6.04 -12.85
CA LEU A 331 -7.41 -7.20 -11.97
C LEU A 331 -6.18 -7.33 -11.08
N HIS A 332 -4.98 -7.12 -11.65
CA HIS A 332 -3.77 -7.17 -10.84
C HIS A 332 -3.78 -6.10 -9.76
N LEU A 333 -4.19 -4.88 -10.12
CA LEU A 333 -4.25 -3.80 -9.14
C LEU A 333 -5.25 -4.11 -8.03
N THR A 334 -6.40 -4.69 -8.39
CA THR A 334 -7.39 -5.07 -7.38
C THR A 334 -6.82 -6.10 -6.42
N VAL A 335 -6.14 -7.12 -6.95
CA VAL A 335 -5.57 -8.14 -6.08
C VAL A 335 -4.51 -7.54 -5.16
N GLU A 336 -3.67 -6.66 -5.70
CA GLU A 336 -2.63 -6.05 -4.86
C GLU A 336 -3.22 -5.16 -3.78
N CYS A 337 -4.26 -4.39 -4.12
CA CYS A 337 -4.92 -3.55 -3.12
C CYS A 337 -5.56 -4.39 -2.03
N VAL A 338 -6.22 -5.50 -2.42
CA VAL A 338 -6.77 -6.41 -1.43
C VAL A 338 -5.69 -6.91 -0.49
N ASP A 339 -4.55 -7.32 -1.04
CA ASP A 339 -3.47 -7.84 -0.20
C ASP A 339 -2.92 -6.78 0.73
N ARG A 340 -2.74 -5.55 0.23
CA ARG A 340 -2.23 -4.48 1.08
C ARG A 340 -3.17 -4.19 2.24
N TYR A 341 -4.46 -3.98 1.95
CA TYR A 341 -5.42 -3.72 3.02
C TYR A 341 -5.45 -4.88 4.01
N LEU A 342 -5.51 -6.12 3.51
CA LEU A 342 -5.52 -7.26 4.42
C LEU A 342 -4.30 -7.28 5.31
N ARG A 343 -3.15 -6.85 4.79
CA ARG A 343 -1.95 -6.80 5.62
C ARG A 343 -1.98 -5.65 6.63
N ARG A 344 -2.76 -4.59 6.35
CA ARG A 344 -2.76 -3.45 7.25
C ARG A 344 -3.83 -3.54 8.34
N ARG A 345 -5.10 -3.63 7.96
CA ARG A 345 -6.20 -3.62 8.91
C ARG A 345 -6.96 -4.94 8.84
N LEU A 346 -7.10 -5.60 9.99
CA LEU A 346 -7.74 -6.91 10.04
C LEU A 346 -9.24 -6.79 9.79
N VAL A 347 -9.81 -7.83 9.19
CA VAL A 347 -11.24 -7.91 8.93
C VAL A 347 -11.73 -9.32 9.22
N PRO A 348 -13.01 -9.46 9.58
CA PRO A 348 -13.56 -10.79 9.84
C PRO A 348 -13.80 -11.55 8.53
N ARG A 349 -14.02 -12.86 8.69
CA ARG A 349 -14.13 -13.73 7.53
C ARG A 349 -15.32 -13.38 6.64
N TYR A 350 -16.46 -13.04 7.23
CA TYR A 350 -17.67 -12.78 6.48
C TYR A 350 -17.66 -11.43 5.76
N ARG A 351 -16.52 -10.75 5.70
CA ARG A 351 -16.41 -9.47 5.02
C ARG A 351 -15.45 -9.49 3.84
N LEU A 352 -14.85 -10.65 3.52
CA LEU A 352 -13.84 -10.69 2.47
C LEU A 352 -14.42 -10.32 1.12
N GLN A 353 -15.61 -10.82 0.80
CA GLN A 353 -16.23 -10.50 -0.49
C GLN A 353 -16.53 -9.01 -0.59
N LEU A 354 -16.94 -8.40 0.52
CA LEU A 354 -17.13 -6.95 0.54
C LEU A 354 -15.82 -6.24 0.22
N LEU A 355 -14.73 -6.73 0.80
CA LEU A 355 -13.41 -6.17 0.51
C LEU A 355 -13.08 -6.27 -0.97
N GLY A 356 -13.35 -7.43 -1.57
CA GLY A 356 -13.04 -7.63 -2.97
C GLY A 356 -13.85 -6.73 -3.88
N ILE A 357 -15.15 -6.63 -3.63
CA ILE A 357 -15.99 -5.74 -4.44
C ILE A 357 -15.59 -4.29 -4.27
N ALA A 358 -15.30 -3.84 -3.04
CA ALA A 358 -14.88 -2.47 -2.86
C ALA A 358 -13.57 -2.19 -3.59
N CYS A 359 -12.62 -3.14 -3.52
CA CYS A 359 -11.35 -2.95 -4.21
C CYS A 359 -11.52 -2.91 -5.72
N MET A 360 -12.37 -3.79 -6.28
CA MET A 360 -12.62 -3.72 -7.72
C MET A 360 -13.27 -2.40 -8.10
N VAL A 361 -14.25 -1.94 -7.32
CA VAL A 361 -14.85 -0.64 -7.63
C VAL A 361 -13.78 0.44 -7.64
N ILE A 362 -12.91 0.43 -6.63
CA ILE A 362 -11.95 1.51 -6.48
C ILE A 362 -10.92 1.49 -7.61
N CYS A 363 -10.44 0.29 -7.98
CA CYS A 363 -9.43 0.21 -9.02
C CYS A 363 -10.02 0.49 -10.40
N THR A 364 -11.21 -0.05 -10.68
CA THR A 364 -11.88 0.22 -11.95
C THR A 364 -12.17 1.70 -12.10
N ARG A 365 -12.59 2.36 -11.02
CA ARG A 365 -12.75 3.81 -11.07
C ARG A 365 -11.41 4.49 -11.33
N PHE A 366 -10.34 3.98 -10.72
CA PHE A 366 -9.03 4.61 -10.87
C PHE A 366 -8.54 4.58 -12.31
N ILE A 367 -8.32 3.39 -12.85
CA ILE A 367 -7.56 3.25 -14.09
C ILE A 367 -8.45 3.03 -15.30
N SER A 368 -9.48 2.19 -15.20
CA SER A 368 -10.22 1.78 -16.38
C SER A 368 -11.18 2.89 -16.83
N LYS A 369 -11.97 2.57 -17.85
CA LYS A 369 -12.98 3.48 -18.39
C LYS A 369 -14.39 3.07 -18.01
N GLU A 370 -14.75 1.81 -18.24
CA GLU A 370 -16.03 1.26 -17.81
C GLU A 370 -15.89 0.68 -16.42
N ILE A 371 -16.63 1.21 -15.46
CA ILE A 371 -16.41 0.89 -14.06
C ILE A 371 -17.51 -0.02 -13.54
N LEU A 372 -17.28 -0.58 -12.35
CA LEU A 372 -18.24 -1.45 -11.68
C LEU A 372 -19.11 -0.57 -10.77
N THR A 373 -20.26 -0.16 -11.28
CA THR A 373 -21.12 0.78 -10.55
C THR A 373 -21.62 0.16 -9.26
N ILE A 374 -21.89 1.02 -8.27
CA ILE A 374 -22.16 0.57 -6.91
C ILE A 374 -23.43 -0.28 -6.86
N ARG A 375 -24.50 0.19 -7.53
CA ARG A 375 -25.72 -0.59 -7.59
C ARG A 375 -25.47 -1.95 -8.25
N GLU A 376 -24.69 -1.96 -9.32
CA GLU A 376 -24.25 -3.22 -9.90
C GLU A 376 -23.28 -3.93 -8.97
N ALA A 377 -22.41 -3.19 -8.29
CA ALA A 377 -21.37 -3.81 -7.48
C ALA A 377 -21.95 -4.69 -6.38
N VAL A 378 -22.97 -4.19 -5.68
CA VAL A 378 -23.62 -4.99 -4.65
C VAL A 378 -24.38 -6.17 -5.26
N TRP A 379 -24.80 -6.05 -6.52
CA TRP A 379 -25.73 -7.02 -7.10
C TRP A 379 -25.10 -8.41 -7.20
N LEU A 380 -23.86 -8.49 -7.67
CA LEU A 380 -23.24 -9.80 -7.87
C LEU A 380 -23.06 -10.57 -6.56
N THR A 381 -23.11 -9.90 -5.43
CA THR A 381 -22.97 -10.56 -4.14
C THR A 381 -24.28 -11.16 -3.65
N ASP A 382 -25.29 -11.26 -4.52
CA ASP A 382 -26.61 -11.79 -4.17
C ASP A 382 -27.25 -10.99 -3.04
N ASN A 383 -26.94 -9.69 -2.98
CA ASN A 383 -27.44 -8.79 -1.94
C ASN A 383 -27.10 -9.28 -0.54
N THR A 384 -26.00 -10.02 -0.41
CA THR A 384 -25.53 -10.44 0.91
C THR A 384 -25.18 -9.22 1.77
N TYR A 385 -24.50 -8.25 1.17
CA TYR A 385 -24.22 -6.98 1.81
C TYR A 385 -25.12 -5.90 1.21
N LYS A 386 -25.02 -4.69 1.76
CA LYS A 386 -25.89 -3.60 1.39
C LYS A 386 -25.09 -2.44 0.82
N TYR A 387 -25.81 -1.42 0.36
CA TYR A 387 -25.18 -0.22 -0.19
C TYR A 387 -24.31 0.46 0.87
N GLU A 388 -24.82 0.60 2.09
CA GLU A 388 -24.08 1.29 3.13
C GLU A 388 -22.82 0.54 3.52
N ASP A 389 -22.90 -0.79 3.61
CA ASP A 389 -21.71 -1.57 3.96
C ASP A 389 -20.63 -1.44 2.90
N LEU A 390 -21.01 -1.46 1.63
CA LEU A 390 -20.03 -1.27 0.56
C LEU A 390 -19.43 0.13 0.61
N VAL A 391 -20.26 1.13 0.91
CA VAL A 391 -19.76 2.50 1.04
C VAL A 391 -18.71 2.59 2.13
N ARG A 392 -19.02 2.01 3.29
CA ARG A 392 -18.07 2.03 4.41
C ARG A 392 -16.78 1.31 4.05
N MET A 393 -16.89 0.14 3.41
CA MET A 393 -15.70 -0.62 3.07
C MET A 393 -14.84 0.14 2.06
N MET A 394 -15.46 0.79 1.07
CA MET A 394 -14.70 1.57 0.11
C MET A 394 -13.96 2.72 0.80
N GLY A 395 -14.67 3.46 1.65
CA GLY A 395 -14.05 4.58 2.33
C GLY A 395 -12.87 4.14 3.18
N GLU A 396 -13.04 3.07 3.95
CA GLU A 396 -11.98 2.61 4.82
C GLU A 396 -10.82 2.00 4.03
N ILE A 397 -11.10 1.33 2.91
CA ILE A 397 -10.02 0.81 2.07
C ILE A 397 -9.15 1.94 1.56
N VAL A 398 -9.78 2.99 1.04
CA VAL A 398 -8.98 4.10 0.51
C VAL A 398 -8.23 4.80 1.63
N SER A 399 -8.86 4.97 2.79
CA SER A 399 -8.18 5.68 3.87
C SER A 399 -7.04 4.86 4.47
N ALA A 400 -7.11 3.53 4.41
CA ALA A 400 -6.08 2.69 4.99
C ALA A 400 -4.86 2.52 4.10
N LEU A 401 -4.96 2.88 2.82
CA LEU A 401 -3.86 2.76 1.89
C LEU A 401 -3.10 4.07 1.70
N GLU A 402 -3.48 5.12 2.43
CA GLU A 402 -2.77 6.40 2.41
C GLU A 402 -2.88 7.09 1.05
N GLY A 403 -3.56 6.47 0.10
CA GLY A 403 -3.72 7.02 -1.22
C GLY A 403 -2.84 6.41 -2.28
N LYS A 404 -1.91 5.54 -1.91
CA LYS A 404 -1.05 4.88 -2.88
C LYS A 404 -1.79 3.66 -3.42
N ILE A 405 -2.20 3.72 -4.68
CA ILE A 405 -2.93 2.65 -5.33
C ILE A 405 -2.07 1.91 -6.35
N ARG A 406 -1.39 2.65 -7.22
CA ARG A 406 -0.59 2.04 -8.28
C ARG A 406 0.77 1.62 -7.72
N VAL A 407 1.10 0.34 -7.88
CA VAL A 407 2.36 -0.21 -7.40
C VAL A 407 2.93 -1.11 -8.49
N PRO A 408 4.22 -1.43 -8.42
CA PRO A 408 4.81 -2.35 -9.39
C PRO A 408 4.03 -3.66 -9.48
N THR A 409 3.74 -4.08 -10.71
CA THR A 409 2.99 -5.30 -10.98
C THR A 409 3.62 -6.02 -12.16
N VAL A 410 3.32 -7.32 -12.26
CA VAL A 410 3.96 -8.17 -13.27
C VAL A 410 3.63 -7.69 -14.68
N VAL A 411 2.47 -7.06 -14.87
CA VAL A 411 2.05 -6.67 -16.21
C VAL A 411 2.99 -5.65 -16.81
N ASP A 412 3.46 -4.69 -16.02
CA ASP A 412 4.34 -3.65 -16.54
C ASP A 412 5.64 -4.24 -17.07
N TYR A 413 6.26 -5.12 -16.29
CA TYR A 413 7.52 -5.73 -16.72
C TYR A 413 7.32 -6.72 -17.86
N LYS A 414 6.19 -7.43 -17.88
CA LYS A 414 5.89 -8.28 -19.03
C LYS A 414 5.78 -7.44 -20.30
N GLU A 415 5.12 -6.29 -20.21
CA GLU A 415 5.02 -5.40 -21.36
C GLU A 415 6.39 -4.89 -21.80
N VAL A 416 7.23 -4.48 -20.83
CA VAL A 416 8.51 -3.92 -21.21
C VAL A 416 9.42 -4.99 -21.80
N LEU A 417 9.29 -6.23 -21.35
CA LEU A 417 10.11 -7.30 -21.92
C LEU A 417 9.60 -7.74 -23.29
N LEU A 418 8.29 -7.73 -23.51
CA LEU A 418 7.76 -8.14 -24.81
C LEU A 418 7.73 -7.02 -25.84
N THR A 419 8.00 -5.78 -25.44
CA THR A 419 8.21 -4.73 -26.42
C THR A 419 9.68 -4.59 -26.82
N LEU A 420 10.58 -5.32 -26.17
CA LEU A 420 12.00 -5.31 -26.49
C LEU A 420 12.35 -6.42 -27.48
N VAL A 421 12.13 -7.67 -27.09
CA VAL A 421 12.45 -8.83 -27.91
C VAL A 421 11.25 -9.13 -28.82
N PRO A 422 11.42 -9.14 -30.14
CA PRO A 422 10.31 -9.46 -31.04
C PRO A 422 10.11 -10.97 -31.13
N VAL A 423 8.95 -11.44 -30.67
CA VAL A 423 8.66 -12.86 -30.58
C VAL A 423 7.31 -13.11 -31.24
N GLU A 424 7.04 -14.37 -31.54
CA GLU A 424 5.80 -14.76 -32.21
C GLU A 424 4.59 -14.54 -31.30
N LEU A 425 3.41 -14.48 -31.94
CA LEU A 425 2.19 -14.11 -31.23
C LEU A 425 1.80 -15.15 -30.19
N ARG A 426 1.95 -16.44 -30.51
CA ARG A 426 1.59 -17.48 -29.56
C ARG A 426 2.42 -17.38 -28.29
N THR A 427 3.70 -17.03 -28.44
CA THR A 427 4.54 -16.82 -27.26
C THR A 427 4.07 -15.63 -26.44
N GLN A 428 3.61 -14.57 -27.12
CA GLN A 428 3.06 -13.43 -26.39
C GLN A 428 1.84 -13.85 -25.57
N HIS A 429 0.93 -14.61 -26.18
CA HIS A 429 -0.25 -15.04 -25.45
C HIS A 429 0.11 -15.96 -24.29
N LEU A 430 1.07 -16.85 -24.48
CA LEU A 430 1.50 -17.71 -23.38
C LEU A 430 2.15 -16.91 -22.27
N CYS A 431 2.98 -15.93 -22.61
CA CYS A 431 3.59 -15.08 -21.59
C CYS A 431 2.53 -14.36 -20.78
N SER A 432 1.50 -13.83 -21.44
CA SER A 432 0.40 -13.21 -20.73
C SER A 432 -0.31 -14.21 -19.81
N PHE A 433 -0.52 -15.42 -20.30
CA PHE A 433 -1.25 -16.43 -19.53
C PHE A 433 -0.49 -16.80 -18.25
N LEU A 434 0.83 -17.00 -18.34
CA LEU A 434 1.58 -17.27 -17.12
C LEU A 434 1.76 -16.03 -16.25
N CYS A 435 1.73 -14.83 -16.83
CA CYS A 435 1.81 -13.64 -16.00
C CYS A 435 0.54 -13.49 -15.16
N GLU A 436 -0.63 -13.80 -15.75
CA GLU A 436 -1.89 -13.66 -15.04
C GLU A 436 -2.12 -14.77 -14.03
N LEU A 437 -1.46 -15.91 -14.16
CA LEU A 437 -1.67 -17.02 -13.25
C LEU A 437 -0.97 -16.82 -11.92
N SER A 438 -0.14 -15.78 -11.77
CA SER A 438 0.52 -15.51 -10.52
C SER A 438 -0.42 -14.90 -9.47
N LEU A 439 -1.58 -14.41 -9.90
CA LEU A 439 -2.48 -13.71 -8.97
C LEU A 439 -3.02 -14.65 -7.91
N LEU A 440 -3.48 -15.84 -8.32
CA LEU A 440 -4.12 -16.75 -7.37
C LEU A 440 -3.13 -17.21 -6.30
N HIS A 441 -1.91 -17.54 -6.69
CA HIS A 441 -0.93 -18.14 -5.80
C HIS A 441 -0.12 -17.05 -5.10
N THR A 442 0.16 -17.27 -3.82
CA THR A 442 0.88 -16.29 -3.02
C THR A 442 2.35 -16.65 -2.81
N SER A 443 2.75 -17.88 -3.13
CA SER A 443 4.16 -18.24 -3.00
C SER A 443 5.03 -17.48 -4.00
N LEU A 444 4.46 -17.08 -5.14
CA LEU A 444 5.22 -16.34 -6.14
C LEU A 444 5.54 -14.91 -5.71
N SER A 445 5.09 -14.50 -4.53
CA SER A 445 5.44 -13.19 -4.00
C SER A 445 6.85 -13.13 -3.45
N ALA A 446 7.50 -14.28 -3.26
CA ALA A 446 8.87 -14.29 -2.75
C ALA A 446 9.88 -13.77 -3.76
N TYR A 447 9.46 -13.56 -5.01
CA TYR A 447 10.33 -13.06 -6.06
C TYR A 447 9.84 -11.69 -6.51
N ALA A 448 10.79 -10.83 -6.90
CA ALA A 448 10.43 -9.51 -7.38
C ALA A 448 9.67 -9.61 -8.69
N PRO A 449 8.86 -8.60 -9.03
CA PRO A 449 8.14 -8.64 -10.32
C PRO A 449 9.06 -8.76 -11.52
N ALA A 450 10.27 -8.20 -11.45
CA ALA A 450 11.20 -8.29 -12.56
C ALA A 450 11.63 -9.73 -12.82
N ARG A 451 12.05 -10.42 -11.76
CA ARG A 451 12.48 -11.80 -11.90
C ARG A 451 11.34 -12.68 -12.37
N LEU A 452 10.12 -12.44 -11.87
CA LEU A 452 8.99 -13.28 -12.23
C LEU A 452 8.57 -13.04 -13.67
N ALA A 453 8.57 -11.78 -14.13
CA ALA A 453 8.23 -11.50 -15.52
C ALA A 453 9.27 -12.09 -16.46
N ALA A 454 10.57 -11.98 -16.11
CA ALA A 454 11.60 -12.58 -16.94
C ALA A 454 11.44 -14.09 -16.99
N ALA A 455 11.15 -14.72 -15.85
CA ALA A 455 10.96 -16.17 -15.83
C ALA A 455 9.73 -16.56 -16.63
N ALA A 456 8.70 -15.73 -16.62
CA ALA A 456 7.50 -16.01 -17.42
C ALA A 456 7.83 -15.98 -18.90
N LEU A 457 8.58 -14.97 -19.35
CA LEU A 457 9.00 -14.93 -20.75
C LEU A 457 9.87 -16.13 -21.09
N LEU A 458 10.76 -16.51 -20.17
CA LEU A 458 11.62 -17.67 -20.40
C LEU A 458 10.80 -18.94 -20.55
N LEU A 459 9.78 -19.12 -19.72
CA LEU A 459 8.92 -20.30 -19.82
C LEU A 459 8.13 -20.27 -21.12
N ALA A 460 7.66 -19.09 -21.53
CA ALA A 460 6.96 -18.98 -22.79
C ALA A 460 7.84 -19.37 -23.97
N ARG A 461 9.11 -18.94 -23.94
CA ARG A 461 10.03 -19.27 -25.02
C ARG A 461 10.39 -20.75 -25.01
N LEU A 462 10.73 -21.28 -23.84
CA LEU A 462 11.16 -22.68 -23.75
C LEU A 462 10.02 -23.64 -24.06
N THR A 463 8.78 -23.26 -23.75
CA THR A 463 7.65 -24.14 -24.03
C THR A 463 7.51 -24.38 -25.53
N HIS A 464 7.69 -23.34 -26.32
CA HIS A 464 7.63 -23.47 -27.78
C HIS A 464 8.88 -24.11 -28.36
N GLY A 465 9.88 -24.41 -27.53
CA GLY A 465 11.06 -25.11 -27.99
C GLY A 465 11.95 -24.33 -28.94
N GLN A 466 12.15 -23.05 -28.69
CA GLN A 466 13.11 -22.29 -29.48
C GLN A 466 14.53 -22.68 -29.10
N THR A 467 15.43 -22.56 -30.08
CA THR A 467 16.79 -23.10 -29.91
C THR A 467 17.51 -22.41 -28.76
N GLN A 468 17.46 -21.09 -28.69
CA GLN A 468 18.15 -20.32 -27.65
C GLN A 468 17.13 -19.63 -26.76
N PRO A 469 16.87 -20.14 -25.55
CA PRO A 469 15.94 -19.45 -24.66
C PRO A 469 16.41 -18.06 -24.24
N TRP A 470 17.62 -17.95 -23.70
CA TRP A 470 18.16 -16.69 -23.23
C TRP A 470 19.18 -16.15 -24.22
N THR A 471 18.95 -14.93 -24.70
CA THR A 471 19.81 -14.29 -25.68
C THR A 471 20.79 -13.34 -25.01
N THR A 472 21.89 -13.06 -25.73
CA THR A 472 22.83 -12.05 -25.26
C THR A 472 22.17 -10.69 -25.12
N GLN A 473 21.21 -10.39 -26.00
CA GLN A 473 20.42 -9.18 -25.84
C GLN A 473 19.67 -9.20 -24.51
N LEU A 474 19.07 -10.33 -24.17
CA LEU A 474 18.36 -10.44 -22.89
C LEU A 474 19.32 -10.31 -21.72
N TRP A 475 20.51 -10.89 -21.82
CA TRP A 475 21.50 -10.72 -20.76
C TRP A 475 21.87 -9.26 -20.59
N ASP A 476 22.08 -8.55 -21.70
CA ASP A 476 22.46 -7.14 -21.61
C ASP A 476 21.32 -6.28 -21.09
N LEU A 477 20.07 -6.68 -21.35
CA LEU A 477 18.93 -5.84 -21.00
C LEU A 477 18.40 -6.13 -19.59
N THR A 478 17.94 -7.36 -19.35
CA THR A 478 17.33 -7.68 -18.07
C THR A 478 18.33 -7.63 -16.91
N GLY A 479 19.63 -7.57 -17.20
CA GLY A 479 20.62 -7.55 -16.15
C GLY A 479 20.72 -8.83 -15.36
N PHE A 480 20.16 -9.92 -15.86
CA PHE A 480 20.25 -11.21 -15.20
C PHE A 480 20.65 -12.27 -16.21
N SER A 481 21.27 -13.33 -15.73
CA SER A 481 21.72 -14.44 -16.55
C SER A 481 20.80 -15.63 -16.36
N TYR A 482 21.11 -16.72 -17.07
CA TYR A 482 20.36 -17.96 -16.90
C TYR A 482 20.34 -18.39 -15.44
N GLU A 483 21.52 -18.46 -14.82
CA GLU A 483 21.64 -18.94 -13.44
C GLU A 483 20.88 -18.07 -12.47
N ASP A 484 20.59 -16.83 -12.83
CA ASP A 484 19.71 -15.98 -12.01
C ASP A 484 18.24 -16.29 -12.23
N LEU A 485 17.91 -17.14 -13.21
CA LEU A 485 16.51 -17.37 -13.58
C LEU A 485 16.06 -18.82 -13.52
N ILE A 486 16.96 -19.80 -13.39
CA ILE A 486 16.51 -21.19 -13.22
C ILE A 486 15.53 -21.35 -12.06
N PRO A 487 15.82 -20.89 -10.84
CA PRO A 487 14.86 -21.14 -9.74
C PRO A 487 13.50 -20.50 -9.97
N CYS A 488 13.45 -19.30 -10.56
CA CYS A 488 12.18 -18.61 -10.74
C CYS A 488 11.29 -19.33 -11.76
N VAL A 489 11.87 -19.83 -12.84
CA VAL A 489 11.11 -20.58 -13.83
C VAL A 489 10.54 -21.85 -13.20
N LEU A 490 11.35 -22.57 -12.43
CA LEU A 490 10.88 -23.79 -11.79
C LEU A 490 9.74 -23.48 -10.82
N SER A 491 9.89 -22.44 -10.00
CA SER A 491 8.86 -22.09 -9.05
C SER A 491 7.57 -21.68 -9.77
N LEU A 492 7.69 -20.86 -10.82
CA LEU A 492 6.51 -20.42 -11.55
C LEU A 492 5.77 -21.59 -12.17
N HIS A 493 6.51 -22.48 -12.86
CA HIS A 493 5.87 -23.61 -13.51
C HIS A 493 5.23 -24.54 -12.49
N LYS A 494 5.91 -24.82 -11.38
CA LYS A 494 5.36 -25.69 -10.36
C LYS A 494 4.08 -25.10 -9.78
N LYS A 495 4.13 -23.85 -9.32
CA LYS A 495 2.99 -23.24 -8.66
C LYS A 495 1.87 -22.90 -9.64
N CYS A 496 2.13 -22.93 -10.94
CA CYS A 496 1.05 -22.68 -11.90
C CYS A 496 0.38 -23.97 -12.37
N PHE A 497 1.15 -24.93 -12.87
CA PHE A 497 0.58 -26.15 -13.43
C PHE A 497 0.66 -27.35 -12.50
N HIS A 498 1.75 -27.51 -11.73
CA HIS A 498 1.96 -28.72 -10.97
C HIS A 498 1.09 -28.70 -9.71
N ASP A 499 1.33 -29.66 -8.82
CA ASP A 499 0.60 -29.81 -7.54
C ASP A 499 -0.86 -30.14 -7.89
N ASP A 500 -1.83 -29.64 -7.12
CA ASP A 500 -3.23 -29.96 -7.34
C ASP A 500 -4.08 -28.73 -7.04
N ALA A 501 -5.32 -28.76 -7.54
CA ALA A 501 -6.28 -27.68 -7.37
C ALA A 501 -6.99 -27.79 -6.02
N PRO A 502 -7.17 -26.67 -5.32
CA PRO A 502 -7.81 -26.72 -3.99
C PRO A 502 -9.32 -26.90 -4.06
N LYS A 503 -9.79 -28.10 -3.73
CA LYS A 503 -11.22 -28.39 -3.65
C LYS A 503 -11.47 -29.22 -2.40
N ASP A 504 -12.65 -29.05 -1.79
CA ASP A 504 -12.93 -29.73 -0.54
C ASP A 504 -14.15 -30.65 -0.62
N TYR A 505 -15.24 -30.18 -1.22
CA TYR A 505 -16.46 -30.97 -1.30
C TYR A 505 -16.94 -31.21 -2.72
N ARG A 506 -16.97 -30.20 -3.57
CA ARG A 506 -17.46 -30.37 -4.94
C ARG A 506 -16.48 -31.15 -5.80
N GLN A 507 -15.21 -31.26 -5.39
CA GLN A 507 -14.18 -31.95 -6.16
C GLN A 507 -14.03 -31.39 -7.57
N VAL A 508 -14.28 -30.09 -7.72
CA VAL A 508 -14.21 -29.41 -9.00
C VAL A 508 -13.19 -28.29 -8.89
N SER A 509 -12.24 -28.26 -9.83
CA SER A 509 -11.21 -27.24 -9.82
C SER A 509 -11.78 -25.88 -10.18
N LEU A 510 -11.23 -24.84 -9.58
CA LEU A 510 -11.63 -23.47 -9.86
C LEU A 510 -10.92 -23.02 -11.14
N THR A 511 -11.67 -22.78 -12.19
CA THR A 511 -11.12 -22.58 -13.53
C THR A 511 -11.66 -21.31 -14.17
N ALA A 512 -11.66 -20.21 -13.42
CA ALA A 512 -12.03 -18.94 -14.03
C ALA A 512 -10.92 -18.39 -14.90
N VAL A 513 -9.67 -18.51 -14.47
CA VAL A 513 -8.55 -18.01 -15.27
C VAL A 513 -8.47 -18.79 -16.58
N LYS A 514 -8.57 -20.12 -16.50
CA LYS A 514 -8.57 -20.92 -17.73
C LYS A 514 -9.75 -20.57 -18.62
N GLN A 515 -10.94 -20.39 -18.02
CA GLN A 515 -12.10 -19.97 -18.80
C GLN A 515 -11.95 -18.56 -19.32
N ARG A 516 -11.20 -17.71 -18.61
CA ARG A 516 -10.96 -16.36 -19.10
C ARG A 516 -10.05 -16.36 -20.32
N PHE A 517 -9.17 -17.34 -20.43
CA PHE A 517 -8.17 -17.39 -21.49
C PHE A 517 -8.53 -18.36 -22.60
N GLU A 518 -9.75 -18.86 -22.63
CA GLU A 518 -10.26 -19.65 -23.75
C GLU A 518 -10.91 -18.78 -24.81
N ASP A 519 -10.84 -17.46 -24.66
CA ASP A 519 -11.48 -16.55 -25.59
C ASP A 519 -10.73 -16.55 -26.93
N LYS A 520 -11.49 -16.27 -27.99
CA LYS A 520 -10.89 -16.15 -29.32
C LYS A 520 -9.99 -14.93 -29.44
N ARG A 521 -10.22 -13.90 -28.61
CA ARG A 521 -9.35 -12.73 -28.62
C ARG A 521 -7.93 -13.08 -28.19
N TYR A 522 -7.79 -14.09 -27.33
CA TYR A 522 -6.48 -14.59 -26.94
C TYR A 522 -6.03 -15.78 -27.80
N GLY A 523 -6.79 -16.13 -28.82
CA GLY A 523 -6.38 -17.16 -29.75
C GLY A 523 -6.52 -18.58 -29.23
N GLU A 524 -7.46 -18.81 -28.30
CA GLU A 524 -7.70 -20.15 -27.74
C GLU A 524 -6.41 -20.72 -27.16
N ILE A 525 -5.65 -19.87 -26.47
CA ILE A 525 -4.31 -20.24 -26.02
C ILE A 525 -4.38 -21.28 -24.90
N SER A 526 -5.34 -21.15 -24.00
CA SER A 526 -5.30 -21.91 -22.76
C SER A 526 -5.45 -23.42 -22.95
N GLN A 527 -6.01 -23.87 -24.08
CA GLN A 527 -6.21 -25.29 -24.30
C GLN A 527 -5.02 -25.97 -24.98
N GLU A 528 -4.00 -25.21 -25.37
CA GLU A 528 -2.80 -25.85 -25.92
C GLU A 528 -2.01 -26.53 -24.81
N GLU A 529 -1.39 -27.64 -25.16
CA GLU A 529 -0.67 -28.44 -24.17
C GLU A 529 0.62 -27.75 -23.75
N VAL A 530 1.15 -28.19 -22.60
CA VAL A 530 2.41 -27.68 -22.07
C VAL A 530 3.23 -28.86 -21.55
N LEU A 531 4.52 -28.62 -21.40
CA LEU A 531 5.42 -29.67 -20.94
C LEU A 531 5.34 -29.83 -19.42
N SER A 532 5.90 -30.93 -18.93
CA SER A 532 5.89 -31.24 -17.52
C SER A 532 7.12 -30.66 -16.82
N TYR A 533 7.15 -30.77 -15.50
CA TYR A 533 8.26 -30.25 -14.73
C TYR A 533 9.56 -30.99 -15.05
N SER A 534 9.48 -32.31 -15.25
CA SER A 534 10.66 -33.08 -15.58
C SER A 534 11.24 -32.65 -16.92
N GLN A 535 10.38 -32.43 -17.92
CA GLN A 535 10.85 -31.97 -19.23
C GLN A 535 11.49 -30.59 -19.13
N LEU A 536 10.88 -29.69 -18.36
CA LEU A 536 11.45 -28.34 -18.19
C LEU A 536 12.80 -28.40 -17.49
N CYS A 537 12.92 -29.23 -16.45
CA CYS A 537 14.20 -29.37 -15.76
C CYS A 537 15.26 -29.96 -16.67
N ALA A 538 14.88 -30.94 -17.51
CA ALA A 538 15.82 -31.52 -18.45
C ALA A 538 16.28 -30.50 -19.48
N ALA A 539 15.34 -29.69 -20.00
CA ALA A 539 15.70 -28.73 -21.03
C ALA A 539 16.46 -27.53 -20.48
N LEU A 540 16.29 -27.22 -19.19
CA LEU A 540 16.97 -26.09 -18.58
C LEU A 540 18.25 -26.49 -17.86
N GLY A 541 18.62 -27.76 -17.89
CA GLY A 541 19.81 -28.22 -17.20
C GLY A 541 19.73 -28.12 -15.70
N VAL A 542 18.59 -28.50 -15.12
CA VAL A 542 18.37 -28.44 -13.68
C VAL A 542 18.05 -29.85 -13.19
N THR A 543 18.74 -30.28 -12.13
CA THR A 543 18.53 -31.60 -11.58
C THR A 543 17.33 -31.61 -10.64
N GLN A 544 17.08 -32.75 -10.01
CA GLN A 544 15.97 -32.90 -9.08
C GLN A 544 16.30 -33.98 -8.07
N ASP A 545 15.59 -33.96 -6.95
CA ASP A 545 15.81 -34.94 -5.88
C ASP A 545 14.55 -35.11 -5.04
N MET B 1 40.41 -4.66 12.12
CA MET B 1 41.35 -3.56 12.31
C MET B 1 40.76 -2.48 13.19
N PRO B 2 39.57 -2.00 12.84
CA PRO B 2 38.90 -0.98 13.65
C PRO B 2 38.55 -1.50 15.03
N SER B 3 38.58 -0.58 16.00
CA SER B 3 38.27 -0.93 17.39
C SER B 3 37.65 0.29 18.04
N ILE B 4 36.37 0.19 18.41
CA ILE B 4 35.64 1.28 19.06
C ILE B 4 35.54 0.93 20.54
N LYS B 5 36.20 1.72 21.38
CA LYS B 5 36.13 1.49 22.81
C LYS B 5 34.77 1.91 23.36
N LEU B 6 34.29 1.19 24.37
CA LEU B 6 33.00 1.45 24.97
C LEU B 6 33.08 1.24 26.46
N GLN B 7 32.43 2.13 27.22
CA GLN B 7 32.36 2.03 28.66
C GLN B 7 30.93 2.32 29.11
N SER B 8 30.56 1.73 30.25
CA SER B 8 29.23 1.88 30.81
C SER B 8 29.25 2.87 31.97
N SER B 9 28.04 3.14 32.50
CA SER B 9 27.93 4.03 33.65
C SER B 9 28.58 3.44 34.89
N ASP B 10 28.70 2.11 34.97
CA ASP B 10 29.35 1.45 36.08
C ASP B 10 30.84 1.22 35.86
N GLY B 11 31.38 1.68 34.73
CA GLY B 11 32.78 1.51 34.42
C GLY B 11 33.14 0.22 33.71
N GLU B 12 32.16 -0.66 33.49
CA GLU B 12 32.44 -1.91 32.79
C GLU B 12 32.68 -1.64 31.31
N ILE B 13 33.61 -2.38 30.73
CA ILE B 13 33.99 -2.23 29.32
C ILE B 13 33.73 -3.55 28.61
N PHE B 14 33.05 -3.46 27.46
CA PHE B 14 32.71 -4.63 26.66
C PHE B 14 33.12 -4.38 25.21
N GLU B 15 33.46 -5.48 24.52
CA GLU B 15 33.88 -5.42 23.13
C GLU B 15 32.70 -5.77 22.23
N VAL B 16 32.47 -4.94 21.21
CA VAL B 16 31.41 -5.17 20.24
C VAL B 16 31.98 -4.97 18.84
N ASP B 17 31.34 -5.62 17.87
CA ASP B 17 31.73 -5.48 16.48
C ASP B 17 31.23 -4.15 15.91
N VAL B 18 31.60 -3.90 14.66
CA VAL B 18 31.37 -2.58 14.06
C VAL B 18 29.98 -2.50 13.44
N GLU B 19 29.59 -3.52 12.69
CA GLU B 19 28.33 -3.46 11.95
C GLU B 19 27.12 -3.35 12.89
N ILE B 20 27.13 -4.10 13.99
CA ILE B 20 26.08 -3.96 14.99
C ILE B 20 26.14 -2.59 15.65
N ALA B 21 27.35 -2.12 15.98
CA ALA B 21 27.51 -0.78 16.54
C ALA B 21 27.09 0.30 15.56
N LYS B 22 27.04 -0.01 14.26
CA LYS B 22 26.54 0.93 13.27
C LYS B 22 25.02 1.10 13.31
N GLN B 23 24.31 0.25 14.05
CA GLN B 23 22.86 0.40 14.19
C GLN B 23 22.53 1.71 14.88
N SER B 24 23.25 2.05 15.94
CA SER B 24 23.02 3.30 16.63
C SER B 24 23.51 4.47 15.79
N VAL B 25 22.66 5.49 15.65
CA VAL B 25 23.02 6.64 14.83
C VAL B 25 23.69 7.75 15.64
N THR B 26 23.51 7.76 16.96
CA THR B 26 24.14 8.80 17.77
C THR B 26 25.67 8.67 17.74
N ILE B 27 26.18 7.45 17.87
CA ILE B 27 27.62 7.24 17.79
C ILE B 27 28.13 7.62 16.40
N LYS B 28 27.35 7.29 15.36
CA LYS B 28 27.76 7.61 13.99
C LYS B 28 27.86 9.12 13.80
N THR B 29 26.84 9.86 14.22
CA THR B 29 26.86 11.30 14.01
C THR B 29 27.91 11.98 14.89
N MET B 30 28.14 11.47 16.10
CA MET B 30 29.19 12.01 16.94
C MET B 30 30.57 11.78 16.31
N LEU B 31 30.79 10.59 15.74
CA LEU B 31 32.06 10.32 15.07
C LEU B 31 32.24 11.18 13.84
N GLU B 32 31.17 11.38 13.05
CA GLU B 32 31.28 12.23 11.88
C GLU B 32 31.53 13.68 12.24
N ASP B 33 30.92 14.16 13.33
CA ASP B 33 31.17 15.53 13.77
C ASP B 33 32.57 15.69 14.34
N LEU B 34 33.06 14.68 15.06
CA LEU B 34 34.38 14.73 15.67
C LEU B 34 35.49 14.23 14.75
N GLY B 35 35.14 13.73 13.57
CA GLY B 35 36.12 13.29 12.61
C GLY B 35 36.63 11.87 12.78
N MET B 36 36.10 11.12 13.75
CA MET B 36 36.51 9.74 13.97
C MET B 36 35.52 8.74 13.36
N ASP B 37 34.92 9.10 12.22
CA ASP B 37 33.98 8.20 11.57
C ASP B 37 34.67 6.91 11.12
N ASP B 38 35.77 7.05 10.39
CA ASP B 38 36.47 5.88 9.86
C ASP B 38 37.90 6.23 9.49
N LEU B 47 26.11 7.63 29.08
CA LEU B 47 24.80 7.05 29.37
C LEU B 47 24.63 6.94 30.87
N PRO B 48 23.75 7.74 31.48
CA PRO B 48 23.67 7.75 32.94
C PRO B 48 22.96 6.54 33.53
N ASN B 49 22.18 5.80 32.74
CA ASN B 49 21.42 4.65 33.24
C ASN B 49 21.78 3.44 32.39
N VAL B 50 22.86 2.75 32.78
CA VAL B 50 23.24 1.51 32.12
C VAL B 50 24.16 0.70 33.04
N ASN B 51 23.88 -0.58 33.19
CA ASN B 51 24.74 -1.52 33.88
C ASN B 51 25.03 -2.71 32.97
N ALA B 52 25.88 -3.61 33.45
CA ALA B 52 26.37 -4.70 32.61
C ALA B 52 25.21 -5.51 32.01
N ALA B 53 24.17 -5.75 32.80
CA ALA B 53 23.05 -6.55 32.30
C ALA B 53 22.37 -5.91 31.10
N ILE B 54 22.16 -4.59 31.15
CA ILE B 54 21.46 -3.91 30.06
C ILE B 54 22.23 -4.04 28.76
N LEU B 55 23.54 -3.85 28.87
CA LEU B 55 24.40 -4.03 27.69
C LEU B 55 24.21 -5.46 27.20
N LYS B 56 24.31 -6.44 28.11
CA LYS B 56 24.25 -7.84 27.71
C LYS B 56 22.99 -8.14 26.91
N LYS B 57 21.82 -7.72 27.42
CA LYS B 57 20.59 -7.93 26.64
C LYS B 57 20.59 -7.13 25.35
N VAL B 58 21.17 -5.92 25.33
CA VAL B 58 21.17 -5.18 24.07
C VAL B 58 22.08 -5.86 23.05
N ILE B 59 23.20 -6.44 23.49
CA ILE B 59 24.06 -7.19 22.59
C ILE B 59 23.34 -8.42 22.06
N GLN B 60 22.62 -9.13 22.93
CA GLN B 60 21.86 -10.30 22.48
C GLN B 60 20.79 -9.89 21.47
N TRP B 61 20.07 -8.79 21.74
CA TRP B 61 19.05 -8.32 20.82
C TRP B 61 19.63 -7.96 19.47
N CYS B 62 20.77 -7.25 19.47
CA CYS B 62 21.37 -6.85 18.21
C CYS B 62 21.92 -8.05 17.45
N THR B 63 22.52 -9.01 18.15
CA THR B 63 23.05 -10.20 17.48
C THR B 63 21.95 -11.05 16.90
N HIS B 64 20.84 -11.21 17.63
CA HIS B 64 19.73 -12.03 17.14
C HIS B 64 19.01 -11.41 15.95
N HIS B 65 19.29 -10.14 15.62
CA HIS B 65 18.63 -9.44 14.52
C HIS B 65 19.70 -8.82 13.63
N LYS B 66 20.10 -9.55 12.59
CA LYS B 66 21.09 -9.07 11.64
C LYS B 66 20.63 -9.09 10.20
N ASP B 67 19.71 -9.99 9.84
CA ASP B 67 19.20 -10.09 8.48
C ASP B 67 17.95 -9.26 8.25
N ASP B 68 17.53 -8.48 9.25
CA ASP B 68 16.33 -7.66 9.10
C ASP B 68 16.57 -6.59 8.04
N PRO B 69 15.67 -6.43 7.06
CA PRO B 69 15.80 -5.42 5.99
C PRO B 69 15.78 -3.99 6.54
N LYS B 80 3.33 -1.51 11.66
CA LYS B 80 3.48 -2.95 11.53
C LYS B 80 2.48 -3.70 12.41
N ARG B 81 2.90 -4.84 12.95
CA ARG B 81 2.06 -5.65 13.81
C ARG B 81 2.88 -6.12 15.00
N THR B 82 2.21 -6.76 15.96
CA THR B 82 2.84 -7.23 17.18
C THR B 82 3.32 -8.68 17.08
N ASP B 83 3.60 -9.15 15.87
CA ASP B 83 4.13 -10.49 15.67
C ASP B 83 5.63 -10.50 15.39
N ASP B 84 6.21 -9.37 15.00
CA ASP B 84 7.64 -9.29 14.75
C ASP B 84 8.47 -9.36 16.04
N ILE B 85 7.84 -9.24 17.20
CA ILE B 85 8.57 -9.36 18.47
C ILE B 85 9.05 -10.79 18.63
N PRO B 86 10.34 -11.01 18.91
CA PRO B 86 10.85 -12.38 19.04
C PRO B 86 10.66 -12.93 20.45
N VAL B 87 11.14 -14.15 20.68
CA VAL B 87 11.01 -14.77 21.99
C VAL B 87 11.86 -14.05 23.02
N TRP B 88 13.07 -13.62 22.62
CA TRP B 88 13.97 -12.98 23.57
C TRP B 88 13.40 -11.69 24.12
N ASP B 89 12.82 -10.85 23.26
CA ASP B 89 12.25 -9.59 23.72
C ASP B 89 11.08 -9.82 24.66
N GLN B 90 10.13 -10.66 24.25
CA GLN B 90 8.95 -10.91 25.08
C GLN B 90 9.29 -11.68 26.35
N GLU B 91 10.45 -12.33 26.40
CA GLU B 91 10.90 -13.01 27.60
C GLU B 91 11.82 -12.14 28.46
N PHE B 92 12.27 -11.00 27.95
CA PHE B 92 13.13 -10.10 28.71
C PHE B 92 12.52 -8.75 29.02
N LEU B 93 11.43 -8.36 28.37
CA LEU B 93 10.79 -7.07 28.61
C LEU B 93 9.76 -7.10 29.74
N LYS B 94 9.61 -8.24 30.42
CA LYS B 94 8.68 -8.36 31.53
C LYS B 94 9.40 -8.34 32.88
N VAL B 95 10.65 -7.92 32.88
CA VAL B 95 11.45 -7.89 34.11
C VAL B 95 11.00 -6.77 35.03
N ASP B 96 10.84 -5.56 34.50
CA ASP B 96 10.44 -4.41 35.31
C ASP B 96 9.92 -3.31 34.38
N GLN B 97 8.89 -2.60 34.84
CA GLN B 97 8.34 -1.50 34.06
C GLN B 97 9.33 -0.34 33.96
N GLY B 98 9.89 0.07 35.11
CA GLY B 98 10.87 1.14 35.09
C GLY B 98 12.08 0.82 34.25
N THR B 99 12.47 -0.46 34.20
CA THR B 99 13.50 -0.89 33.25
C THR B 99 13.06 -0.60 31.82
N LEU B 100 11.79 -0.84 31.50
CA LEU B 100 11.29 -0.53 30.17
C LEU B 100 11.33 0.97 29.89
N PHE B 101 10.98 1.80 30.88
CA PHE B 101 11.06 3.25 30.68
C PHE B 101 12.50 3.69 30.44
N GLU B 102 13.44 3.15 31.22
CA GLU B 102 14.84 3.46 30.97
C GLU B 102 15.25 3.02 29.57
N LEU B 103 14.57 2.03 29.00
CA LEU B 103 15.01 1.58 27.66
C LEU B 103 14.50 2.56 26.60
N ILE B 104 13.26 3.03 26.78
CA ILE B 104 12.66 3.87 25.69
C ILE B 104 13.45 5.17 25.60
N LEU B 105 13.68 5.85 26.72
CA LEU B 105 14.37 7.17 26.67
C LEU B 105 15.78 6.85 26.22
N ALA B 106 16.21 5.66 26.59
CA ALA B 106 17.55 5.24 26.15
C ALA B 106 17.63 5.38 24.63
N ALA B 107 16.84 4.59 23.91
CA ALA B 107 17.05 4.70 22.45
C ALA B 107 16.72 6.11 22.05
N ASN B 108 15.71 6.70 22.68
CA ASN B 108 15.28 8.07 22.32
C ASN B 108 16.57 8.82 22.18
N TYR B 109 17.46 8.40 23.05
CA TYR B 109 18.75 9.09 23.07
C TYR B 109 19.73 8.49 22.06
N LEU B 110 19.63 7.22 21.70
CA LEU B 110 20.72 6.70 20.80
C LEU B 110 20.27 6.56 19.33
N ASP B 111 19.04 6.96 18.96
CA ASP B 111 18.61 6.95 17.53
C ASP B 111 18.70 5.56 16.88
N ILE B 112 18.15 4.54 17.51
CA ILE B 112 18.32 3.14 17.00
C ILE B 112 17.02 2.71 16.34
N LEU B 115 14.31 -0.79 17.48
CA LEU B 115 14.05 -1.13 18.88
C LEU B 115 13.17 -0.08 19.55
N LEU B 116 13.26 1.18 19.09
CA LEU B 116 12.39 2.24 19.58
C LEU B 116 10.92 1.88 19.35
N ASP B 117 10.60 1.49 18.11
CA ASP B 117 9.24 1.12 17.77
C ASP B 117 8.83 -0.18 18.45
N VAL B 118 9.77 -1.12 18.61
CA VAL B 118 9.46 -2.36 19.31
C VAL B 118 9.03 -2.05 20.74
N THR B 119 9.78 -1.20 21.42
CA THR B 119 9.43 -0.82 22.79
C THR B 119 8.11 -0.07 22.84
N CYS B 120 7.89 0.85 21.89
CA CYS B 120 6.64 1.62 21.87
C CYS B 120 5.44 0.69 21.70
N LYS B 121 5.56 -0.30 20.82
CA LYS B 121 4.50 -1.28 20.66
C LYS B 121 4.32 -2.10 21.93
N THR B 122 5.42 -2.50 22.57
CA THR B 122 5.34 -3.33 23.75
C THR B 122 4.58 -2.63 24.87
N VAL B 123 4.90 -1.35 25.11
CA VAL B 123 4.23 -0.62 26.18
C VAL B 123 2.78 -0.32 25.79
N ALA B 124 2.54 0.02 24.53
CA ALA B 124 1.21 0.42 24.10
C ALA B 124 0.20 -0.73 24.25
N ASN B 125 0.66 -1.97 24.08
CA ASN B 125 -0.24 -3.11 24.25
C ASN B 125 -0.74 -3.20 25.68
N MET B 126 0.13 -2.92 26.66
CA MET B 126 -0.29 -2.96 28.06
C MET B 126 -1.27 -1.83 28.40
N ILE B 127 -1.43 -0.86 27.49
CA ILE B 127 -2.30 0.27 27.76
C ILE B 127 -3.63 0.18 27.02
N LYS B 128 -3.62 -0.39 25.81
CA LYS B 128 -4.79 -0.34 24.94
C LYS B 128 -6.00 -1.03 25.58
N GLY B 129 -5.90 -2.34 25.81
CA GLY B 129 -7.06 -3.11 26.21
C GLY B 129 -7.33 -3.19 27.71
N LYS B 130 -7.08 -2.10 28.43
CA LYS B 130 -7.31 -2.04 29.86
C LYS B 130 -8.07 -0.77 30.22
N THR B 131 -8.68 -0.78 31.41
CA THR B 131 -9.38 0.35 31.99
C THR B 131 -8.38 1.30 32.64
N PRO B 132 -8.74 2.59 32.78
CA PRO B 132 -7.80 3.55 33.39
C PRO B 132 -7.35 3.14 34.79
N GLU B 133 -8.25 2.60 35.60
CA GLU B 133 -7.87 2.16 36.93
C GLU B 133 -6.88 1.02 36.88
N GLU B 134 -6.97 0.16 35.85
CA GLU B 134 -5.96 -0.88 35.66
C GLU B 134 -4.60 -0.25 35.38
N ILE B 135 -4.56 0.83 34.60
CA ILE B 135 -3.30 1.53 34.35
C ILE B 135 -2.75 2.10 35.64
N ARG B 136 -3.62 2.71 36.46
CA ARG B 136 -3.16 3.22 37.76
C ARG B 136 -2.60 2.10 38.62
N LYS B 137 -3.26 0.94 38.61
CA LYS B 137 -2.79 -0.18 39.44
C LYS B 137 -1.44 -0.70 38.97
N THR B 138 -1.27 -0.87 37.65
CA THR B 138 -0.03 -1.46 37.16
C THR B 138 1.13 -0.48 37.20
N PHE B 139 0.86 0.80 36.96
CA PHE B 139 1.91 1.81 36.86
C PHE B 139 2.33 2.38 38.22
N ASN B 140 1.84 1.80 39.32
CA ASN B 140 2.15 2.25 40.67
C ASN B 140 1.81 3.73 40.85
N ILE B 141 0.70 4.15 40.24
CA ILE B 141 0.18 5.50 40.39
C ILE B 141 -0.97 5.43 41.39
N LYS B 142 -0.77 6.00 42.58
CA LYS B 142 -1.80 5.98 43.61
C LYS B 142 -3.04 6.73 43.14
N ASN B 143 -2.92 8.04 42.98
CA ASN B 143 -4.01 8.88 42.49
C ASN B 143 -3.52 10.30 42.28
N ASP B 144 -4.07 11.00 41.27
CA ASP B 144 -3.77 12.40 41.05
C ASP B 144 -5.00 13.27 40.86
N PHE B 145 -6.17 12.70 40.57
CA PHE B 145 -7.41 13.46 40.48
C PHE B 145 -8.19 13.33 41.78
N THR B 146 -8.61 14.47 42.31
CA THR B 146 -9.36 14.52 43.56
C THR B 146 -10.83 14.18 43.28
N GLU B 147 -11.70 14.44 44.26
CA GLU B 147 -13.11 14.08 44.13
C GLU B 147 -13.77 14.83 42.99
N GLU B 148 -13.47 16.12 42.82
CA GLU B 148 -14.12 16.92 41.79
C GLU B 148 -13.31 16.90 40.49
N GLU B 149 -12.95 15.69 40.05
CA GLU B 149 -12.42 15.49 38.71
C GLU B 149 -12.97 14.25 38.01
N GLU B 150 -13.46 13.25 38.75
CA GLU B 150 -13.99 12.05 38.11
C GLU B 150 -15.26 12.35 37.33
N ALA B 151 -16.11 13.23 37.85
CA ALA B 151 -17.31 13.62 37.13
C ALA B 151 -16.97 14.34 35.84
N GLN B 152 -15.98 15.24 35.87
CA GLN B 152 -15.54 15.91 34.66
C GLN B 152 -14.94 14.92 33.67
N VAL B 153 -14.26 13.89 34.16
CA VAL B 153 -13.75 12.95 33.11
C VAL B 153 -14.96 12.25 32.52
N ARG B 154 -15.82 11.75 33.40
CA ARG B 154 -16.93 10.99 32.83
C ARG B 154 -17.70 11.80 31.80
N LYS B 155 -17.95 13.08 32.09
CA LYS B 155 -18.69 13.90 31.14
C LYS B 155 -17.86 14.19 29.90
N GLU B 156 -16.54 14.28 30.03
CA GLU B 156 -15.67 14.47 28.87
C GLU B 156 -15.41 13.17 28.12
N ASN B 157 -15.74 12.03 28.71
CA ASN B 157 -15.66 10.74 28.03
C ASN B 157 -16.99 10.31 27.43
N GLN B 158 -18.05 11.11 27.62
CA GLN B 158 -19.36 10.80 27.08
C GLN B 158 -19.51 11.21 25.62
N TRP B 159 -18.41 11.58 24.97
CA TRP B 159 -18.49 12.03 23.58
C TRP B 159 -18.88 10.91 22.63
N CYS B 160 -18.31 9.72 22.81
CA CYS B 160 -18.60 8.59 21.93
C CYS B 160 -20.03 8.10 22.11
N GLY C 1 -18.12 -23.82 -7.70
CA GLY C 1 -17.51 -24.83 -8.58
C GLY C 1 -17.98 -24.69 -10.02
N ARG C 2 -19.40 -25.18 -11.80
N ARG C 2 -18.88 -24.21 -9.43
CA ARG C 2 -19.67 -24.38 -10.58
CA ARG C 2 -19.46 -24.09 -10.79
C ARG C 2 -20.90 -23.50 -10.80
C ARG C 2 -20.65 -23.12 -10.87
N PRO C 3 -21.40 -22.77 -9.78
CA PRO C 3 -22.54 -21.85 -9.99
C PRO C 3 -22.11 -20.65 -10.82
N PRO C 4 -23.07 -19.82 -11.26
CA PRO C 4 -22.69 -18.59 -11.97
C PRO C 4 -22.01 -17.59 -11.06
N VAL C 5 -21.70 -16.41 -11.60
CA VAL C 5 -20.95 -15.41 -10.83
C VAL C 5 -21.73 -14.99 -9.59
N LYS C 6 -23.00 -14.65 -9.79
CA LYS C 6 -23.81 -14.17 -8.63
C LYS C 6 -23.75 -15.31 -7.63
N ARG C 7 -23.29 -15.03 -6.43
CA ARG C 7 -23.07 -16.07 -5.44
C ARG C 7 -22.75 -15.41 -4.11
N ARG C 8 -22.84 -16.20 -3.05
CA ARG C 8 -22.26 -15.87 -1.74
C ARG C 8 -21.17 -16.90 -1.49
N LEU C 9 -19.91 -16.47 -1.59
CA LEU C 9 -18.79 -17.40 -1.58
C LEU C 9 -18.76 -18.21 -0.28
N ASP C 10 -18.42 -19.49 -0.41
CA ASP C 10 -18.35 -20.41 0.71
C ASP C 10 -16.91 -20.47 1.20
N LEU C 11 -16.60 -19.65 2.20
CA LEU C 11 -15.25 -19.61 2.73
C LEU C 11 -15.00 -20.74 3.72
N GLU C 12 -16.04 -21.19 4.41
CA GLU C 12 -15.94 -22.18 5.47
C GLU C 12 -15.32 -23.48 4.96
N THR C 13 -14.40 -24.05 5.73
CA THR C 13 -13.74 -25.29 5.34
C THR C 13 -14.71 -26.46 5.45
#